data_2L1J
#
_entry.id   2L1J
#
_entity_poly.entity_id   1
_entity_poly.type   'polypeptide(L)'
_entity_poly.pdbx_seq_one_letter_code
;CVATRNSCKPAAAACCDPAASCYCRFFRSACYCR
;
_entity_poly.pdbx_strand_id   A
#
# COMPACT_ATOMS: atom_id res chain seq x y z
N CYS A 1 4.21 -5.15 6.24
CA CYS A 1 4.45 -5.85 4.99
C CYS A 1 5.52 -5.15 4.16
N VAL A 2 5.28 -3.87 3.87
CA VAL A 2 6.22 -3.08 3.09
C VAL A 2 6.81 -1.94 3.91
N ALA A 3 7.84 -1.29 3.37
CA ALA A 3 8.49 -0.19 4.06
C ALA A 3 7.55 1.01 4.18
N THR A 4 7.44 1.77 3.09
CA THR A 4 6.58 2.95 3.07
C THR A 4 6.64 3.65 1.72
N ARG A 5 5.49 3.83 1.10
CA ARG A 5 5.42 4.50 -0.21
C ARG A 5 6.42 3.88 -1.18
N ASN A 6 6.55 2.56 -1.14
CA ASN A 6 7.48 1.86 -2.01
C ASN A 6 6.73 0.84 -2.87
N SER A 7 6.20 -0.20 -2.23
CA SER A 7 5.47 -1.24 -2.94
C SER A 7 4.68 -2.11 -1.95
N CYS A 8 3.60 -1.55 -1.41
CA CYS A 8 2.77 -2.27 -0.46
C CYS A 8 2.71 -3.75 -0.80
N LYS A 9 2.48 -4.06 -2.07
CA LYS A 9 2.39 -5.44 -2.53
C LYS A 9 3.10 -5.61 -3.87
N PRO A 10 3.64 -6.82 -4.10
CA PRO A 10 4.35 -7.13 -5.35
C PRO A 10 3.42 -7.22 -6.55
N ALA A 11 2.86 -6.07 -6.93
CA ALA A 11 1.94 -6.01 -8.06
C ALA A 11 1.17 -4.70 -8.08
N ALA A 12 0.99 -4.10 -6.90
CA ALA A 12 0.28 -2.83 -6.79
C ALA A 12 0.42 -2.25 -5.39
N ALA A 13 -0.63 -1.57 -4.92
CA ALA A 13 -0.61 -0.97 -3.60
C ALA A 13 -1.63 -1.63 -2.68
N ALA A 14 -1.19 -2.67 -1.97
CA ALA A 14 -2.06 -3.39 -1.05
C ALA A 14 -1.28 -3.98 0.11
N CYS A 15 -0.95 -3.14 1.09
CA CYS A 15 -0.20 -3.59 2.25
C CYS A 15 -0.87 -4.79 2.91
N CYS A 16 -0.14 -5.45 3.80
CA CYS A 16 -0.66 -6.61 4.51
C CYS A 16 -0.56 -6.43 6.01
N ASP A 17 0.35 -5.57 6.44
CA ASP A 17 0.53 -5.28 7.86
C ASP A 17 -0.80 -5.00 8.55
N PRO A 18 -1.06 -5.72 9.65
CA PRO A 18 -2.30 -5.56 10.41
C PRO A 18 -2.36 -4.22 11.15
N ALA A 19 -1.26 -3.86 11.81
CA ALA A 19 -1.19 -2.62 12.55
C ALA A 19 -1.15 -1.42 11.60
N ALA A 20 -0.54 -1.62 10.44
CA ALA A 20 -0.43 -0.55 9.45
C ALA A 20 -1.61 -0.59 8.48
N SER A 21 -1.69 0.42 7.61
CA SER A 21 -2.76 0.50 6.64
C SER A 21 -2.45 1.55 5.57
N CYS A 22 -2.29 1.09 4.33
CA CYS A 22 -1.99 1.99 3.21
C CYS A 22 -3.08 3.05 3.06
N TYR A 23 -2.98 3.82 1.98
CA TYR A 23 -3.96 4.86 1.71
C TYR A 23 -4.44 4.81 0.26
N CYS A 24 -5.72 4.55 0.08
CA CYS A 24 -6.31 4.46 -1.25
C CYS A 24 -6.42 5.85 -1.88
N ARG A 25 -5.77 6.03 -3.02
CA ARG A 25 -5.79 7.30 -3.73
C ARG A 25 -6.68 7.22 -4.96
N PHE A 26 -6.76 6.04 -5.56
CA PHE A 26 -7.58 5.84 -6.75
C PHE A 26 -6.80 6.20 -8.02
N PHE A 27 -5.95 7.21 -7.91
CA PHE A 27 -5.15 7.65 -9.05
C PHE A 27 -4.56 6.45 -9.79
N ARG A 28 -4.14 5.45 -9.04
CA ARG A 28 -3.56 4.24 -9.63
C ARG A 28 -4.44 3.02 -9.38
N SER A 29 -5.50 3.23 -8.60
CA SER A 29 -6.43 2.14 -8.28
C SER A 29 -5.83 1.20 -7.24
N ALA A 30 -5.44 1.77 -6.11
CA ALA A 30 -4.85 0.99 -5.02
C ALA A 30 -4.56 1.86 -3.81
N CYS A 31 -3.98 1.25 -2.77
CA CYS A 31 -3.65 1.97 -1.55
C CYS A 31 -2.16 1.84 -1.25
N TYR A 32 -1.45 2.96 -1.33
CA TYR A 32 -0.01 2.97 -1.06
C TYR A 32 0.27 3.15 0.43
N CYS A 33 1.32 2.51 0.91
CA CYS A 33 1.69 2.59 2.32
C CYS A 33 2.18 4.00 2.66
N ARG A 34 1.23 4.90 2.94
CA ARG A 34 1.57 6.27 3.29
C ARG A 34 2.50 6.32 4.50
N CYS A 1 4.23 -5.22 6.25
CA CYS A 1 4.47 -5.92 5.00
C CYS A 1 5.53 -5.20 4.17
N VAL A 2 5.28 -3.92 3.87
CA VAL A 2 6.21 -3.13 3.09
C VAL A 2 6.79 -1.98 3.93
N ALA A 3 7.81 -1.32 3.39
CA ALA A 3 8.45 -0.21 4.08
C ALA A 3 7.51 0.97 4.21
N THR A 4 7.39 1.75 3.12
CA THR A 4 6.51 2.91 3.11
C THR A 4 6.57 3.63 1.77
N ARG A 5 5.42 3.83 1.15
CA ARG A 5 5.34 4.50 -0.14
C ARG A 5 6.34 3.90 -1.12
N ASN A 6 6.54 2.58 -1.05
CA ASN A 6 7.46 1.89 -1.93
C ASN A 6 6.73 0.89 -2.82
N SER A 7 6.19 -0.15 -2.19
CA SER A 7 5.46 -1.19 -2.93
C SER A 7 4.69 -2.09 -1.97
N CYS A 8 3.60 -1.57 -1.42
CA CYS A 8 2.77 -2.33 -0.49
C CYS A 8 2.75 -3.80 -0.87
N LYS A 9 2.54 -4.09 -2.15
CA LYS A 9 2.50 -5.46 -2.64
C LYS A 9 3.18 -5.58 -4.00
N PRO A 10 3.77 -6.76 -4.26
CA PRO A 10 4.47 -7.03 -5.52
C PRO A 10 3.51 -7.11 -6.71
N ALA A 11 2.89 -5.99 -7.04
CA ALA A 11 1.95 -5.95 -8.17
C ALA A 11 1.14 -4.66 -8.15
N ALA A 12 0.99 -4.08 -6.96
CA ALA A 12 0.23 -2.83 -6.82
C ALA A 12 0.39 -2.27 -5.41
N ALA A 13 -0.65 -1.60 -4.92
CA ALA A 13 -0.62 -1.00 -3.59
C ALA A 13 -1.64 -1.68 -2.68
N ALA A 14 -1.20 -2.72 -1.98
CA ALA A 14 -2.07 -3.44 -1.06
C ALA A 14 -1.28 -4.05 0.09
N CYS A 15 -0.95 -3.23 1.08
CA CYS A 15 -0.19 -3.69 2.24
C CYS A 15 -0.86 -4.89 2.89
N CYS A 16 -0.12 -5.57 3.77
CA CYS A 16 -0.64 -6.74 4.46
C CYS A 16 -0.55 -6.57 5.98
N ASP A 17 0.35 -5.69 6.40
CA ASP A 17 0.54 -5.43 7.82
C ASP A 17 -0.79 -5.15 8.51
N PRO A 18 -1.04 -5.87 9.61
CA PRO A 18 -2.29 -5.71 10.38
C PRO A 18 -2.35 -4.38 11.13
N ALA A 19 -1.26 -4.06 11.82
CA ALA A 19 -1.18 -2.80 12.57
C ALA A 19 -1.14 -1.60 11.64
N ALA A 20 -0.59 -1.80 10.45
CA ALA A 20 -0.48 -0.73 9.46
C ALA A 20 -1.65 -0.78 8.48
N SER A 21 -1.72 0.23 7.61
CA SER A 21 -2.79 0.30 6.62
C SER A 21 -2.49 1.37 5.57
N CYS A 22 -2.32 0.93 4.33
CA CYS A 22 -2.04 1.85 3.23
C CYS A 22 -3.13 2.90 3.08
N TYR A 23 -3.05 3.69 2.02
CA TYR A 23 -4.03 4.73 1.77
C TYR A 23 -4.50 4.69 0.32
N CYS A 24 -5.79 4.41 0.14
CA CYS A 24 -6.37 4.34 -1.20
C CYS A 24 -6.49 5.73 -1.81
N ARG A 25 -5.84 5.94 -2.95
CA ARG A 25 -5.88 7.22 -3.64
C ARG A 25 -6.77 7.15 -4.87
N PHE A 26 -6.83 5.97 -5.48
CA PHE A 26 -7.64 5.78 -6.68
C PHE A 26 -6.86 6.16 -7.94
N PHE A 27 -6.02 7.18 -7.82
CA PHE A 27 -5.22 7.64 -8.94
C PHE A 27 -4.61 6.47 -9.70
N ARG A 28 -4.17 5.45 -8.96
CA ARG A 28 -3.58 4.27 -9.57
C ARG A 28 -4.46 3.04 -9.34
N SER A 29 -5.52 3.22 -8.58
CA SER A 29 -6.43 2.11 -8.28
C SER A 29 -5.83 1.17 -7.24
N ALA A 30 -5.45 1.73 -6.10
CA ALA A 30 -4.86 0.94 -5.02
C ALA A 30 -4.57 1.80 -3.80
N CYS A 31 -4.01 1.19 -2.76
CA CYS A 31 -3.67 1.90 -1.54
C CYS A 31 -2.18 1.79 -1.23
N TYR A 32 -1.49 2.91 -1.30
CA TYR A 32 -0.05 2.93 -1.02
C TYR A 32 0.21 3.10 0.47
N CYS A 33 1.28 2.46 0.95
CA CYS A 33 1.64 2.53 2.36
C CYS A 33 2.11 3.92 2.73
N ARG A 34 1.16 4.81 3.01
CA ARG A 34 1.48 6.19 3.38
C ARG A 34 2.41 6.23 4.59
N CYS A 1 4.20 -5.16 6.25
CA CYS A 1 4.43 -5.86 4.99
C CYS A 1 5.50 -5.15 4.17
N VAL A 2 5.26 -3.88 3.88
CA VAL A 2 6.19 -3.08 3.09
C VAL A 2 6.77 -1.94 3.92
N ALA A 3 7.81 -1.29 3.39
CA ALA A 3 8.45 -0.18 4.07
C ALA A 3 7.52 1.01 4.18
N THR A 4 7.40 1.78 3.10
CA THR A 4 6.54 2.95 3.07
C THR A 4 6.60 3.66 1.73
N ARG A 5 5.44 3.85 1.10
CA ARG A 5 5.38 4.51 -0.20
C ARG A 5 6.38 3.90 -1.17
N ASN A 6 6.56 2.59 -1.09
CA ASN A 6 7.49 1.88 -1.96
C ASN A 6 6.75 0.87 -2.84
N SER A 7 6.20 -0.16 -2.21
CA SER A 7 5.47 -1.20 -2.93
C SER A 7 4.69 -2.09 -1.97
N CYS A 8 3.60 -1.55 -1.43
CA CYS A 8 2.77 -2.29 -0.49
C CYS A 8 2.73 -3.77 -0.85
N LYS A 9 2.52 -4.07 -2.12
CA LYS A 9 2.46 -5.44 -2.59
C LYS A 9 3.16 -5.58 -3.95
N PRO A 10 3.73 -6.77 -4.20
CA PRO A 10 4.43 -7.06 -5.46
C PRO A 10 3.48 -7.15 -6.64
N ALA A 11 2.87 -6.02 -7.01
CA ALA A 11 1.95 -5.98 -8.13
C ALA A 11 1.15 -4.68 -8.13
N ALA A 12 0.99 -4.09 -6.94
CA ALA A 12 0.25 -2.84 -6.81
C ALA A 12 0.41 -2.26 -5.41
N ALA A 13 -0.63 -1.57 -4.94
CA ALA A 13 -0.61 -0.97 -3.62
C ALA A 13 -1.63 -1.63 -2.69
N ALA A 14 -1.20 -2.67 -1.99
CA ALA A 14 -2.07 -3.38 -1.06
C ALA A 14 -1.28 -3.99 0.10
N CYS A 15 -0.96 -3.16 1.09
CA CYS A 15 -0.20 -3.61 2.24
C CYS A 15 -0.88 -4.81 2.91
N CYS A 16 -0.16 -5.47 3.80
CA CYS A 16 -0.69 -6.63 4.50
C CYS A 16 -0.60 -6.45 6.01
N ASP A 17 0.31 -5.58 6.44
CA ASP A 17 0.51 -5.30 7.86
C ASP A 17 -0.83 -5.02 8.54
N PRO A 18 -1.09 -5.73 9.64
CA PRO A 18 -2.33 -5.56 10.41
C PRO A 18 -2.39 -4.23 11.14
N ALA A 19 -1.30 -3.87 11.82
CA ALA A 19 -1.23 -2.62 12.55
C ALA A 19 -1.18 -1.43 11.60
N ALA A 20 -0.59 -1.64 10.43
CA ALA A 20 -0.48 -0.58 9.43
C ALA A 20 -1.65 -0.62 8.45
N SER A 21 -1.72 0.38 7.58
CA SER A 21 -2.79 0.45 6.59
C SER A 21 -2.48 1.50 5.53
N CYS A 22 -2.32 1.06 4.29
CA CYS A 22 -2.02 1.95 3.19
C CYS A 22 -3.10 3.01 3.02
N TYR A 23 -3.02 3.79 1.96
CA TYR A 23 -3.99 4.83 1.69
C TYR A 23 -4.46 4.78 0.24
N CYS A 24 -5.75 4.51 0.05
CA CYS A 24 -6.33 4.43 -1.28
C CYS A 24 -6.45 5.82 -1.91
N ARG A 25 -5.78 6.01 -3.04
CA ARG A 25 -5.81 7.28 -3.74
C ARG A 25 -6.70 7.21 -4.99
N PHE A 26 -6.76 6.02 -5.59
CA PHE A 26 -7.58 5.83 -6.78
C PHE A 26 -6.78 6.19 -8.04
N PHE A 27 -5.93 7.20 -7.93
CA PHE A 27 -5.13 7.65 -9.06
C PHE A 27 -4.52 6.46 -9.80
N ARG A 28 -4.11 5.46 -9.05
CA ARG A 28 -3.51 4.26 -9.64
C ARG A 28 -4.40 3.04 -9.42
N SER A 29 -5.46 3.23 -8.65
CA SER A 29 -6.38 2.14 -8.34
C SER A 29 -5.80 1.20 -7.29
N ALA A 30 -5.41 1.77 -6.15
CA ALA A 30 -4.84 0.97 -5.07
C ALA A 30 -4.54 1.85 -3.85
N CYS A 31 -3.99 1.24 -2.82
CA CYS A 31 -3.65 1.96 -1.59
C CYS A 31 -2.17 1.84 -1.28
N TYR A 32 -1.45 2.97 -1.35
CA TYR A 32 -0.02 2.98 -1.07
C TYR A 32 0.24 3.16 0.42
N CYS A 33 1.29 2.51 0.90
CA CYS A 33 1.66 2.60 2.31
C CYS A 33 2.14 3.99 2.67
N ARG A 34 1.19 4.89 2.94
CA ARG A 34 1.52 6.26 3.30
C ARG A 34 2.44 6.31 4.51
N CYS A 1 4.21 -5.22 6.25
CA CYS A 1 4.47 -5.91 4.99
C CYS A 1 5.53 -5.19 4.17
N VAL A 2 5.29 -3.91 3.89
CA VAL A 2 6.22 -3.10 3.12
C VAL A 2 6.80 -1.97 3.96
N ALA A 3 7.82 -1.31 3.42
CA ALA A 3 8.46 -0.21 4.13
C ALA A 3 7.51 0.98 4.26
N THR A 4 7.39 1.76 3.18
CA THR A 4 6.52 2.93 3.17
C THR A 4 6.58 3.65 1.83
N ARG A 5 5.43 3.83 1.21
CA ARG A 5 5.36 4.50 -0.09
C ARG A 5 6.37 3.92 -1.07
N ASN A 6 6.53 2.60 -1.04
CA ASN A 6 7.46 1.92 -1.92
C ASN A 6 6.73 0.90 -2.80
N SER A 7 6.21 -0.15 -2.17
CA SER A 7 5.49 -1.19 -2.89
C SER A 7 4.71 -2.08 -1.93
N CYS A 8 3.62 -1.54 -1.38
CA CYS A 8 2.78 -2.28 -0.45
C CYS A 8 2.75 -3.77 -0.81
N LYS A 9 2.53 -4.05 -2.08
CA LYS A 9 2.47 -5.43 -2.57
C LYS A 9 3.17 -5.57 -3.90
N PRO A 10 3.74 -6.76 -4.16
CA PRO A 10 4.44 -7.05 -5.41
C PRO A 10 3.51 -7.13 -6.60
N ALA A 11 2.94 -6.00 -6.98
CA ALA A 11 2.02 -5.94 -8.11
C ALA A 11 1.24 -4.63 -8.12
N ALA A 12 1.04 -4.06 -6.94
CA ALA A 12 0.31 -2.80 -6.80
C ALA A 12 0.46 -2.23 -5.40
N ALA A 13 -0.60 -1.57 -4.93
CA ALA A 13 -0.60 -0.98 -3.59
C ALA A 13 -1.61 -1.66 -2.68
N ALA A 14 -1.17 -2.71 -1.99
CA ALA A 14 -2.05 -3.44 -1.08
C ALA A 14 -1.25 -4.04 0.08
N CYS A 15 -0.94 -3.22 1.06
CA CYS A 15 -0.19 -3.66 2.23
C CYS A 15 -0.85 -4.88 2.87
N CYS A 16 -0.11 -5.54 3.76
CA CYS A 16 -0.63 -6.72 4.45
C CYS A 16 -0.55 -6.55 5.96
N ASP A 17 0.35 -5.67 6.41
CA ASP A 17 0.53 -5.42 7.83
C ASP A 17 -0.81 -5.15 8.51
N PRO A 18 -1.08 -5.90 9.59
CA PRO A 18 -2.32 -5.77 10.35
C PRO A 18 -2.40 -4.45 11.11
N ALA A 19 -1.31 -4.10 11.79
CA ALA A 19 -1.26 -2.85 12.55
C ALA A 19 -1.22 -1.63 11.63
N ALA A 20 -0.63 -1.81 10.45
CA ALA A 20 -0.53 -0.73 9.49
C ALA A 20 -1.70 -0.77 8.50
N SER A 21 -1.75 0.23 7.63
CA SER A 21 -2.83 0.31 6.64
C SER A 21 -2.52 1.38 5.59
N CYS A 22 -2.34 0.94 4.35
CA CYS A 22 -2.04 1.86 3.25
C CYS A 22 -3.14 2.90 3.10
N TYR A 23 -3.05 3.70 2.03
CA TYR A 23 -4.04 4.74 1.77
C TYR A 23 -4.50 4.70 0.32
N CYS A 24 -5.79 4.42 0.13
CA CYS A 24 -6.37 4.35 -1.21
C CYS A 24 -6.49 5.74 -1.82
N ARG A 25 -5.83 5.94 -2.96
CA ARG A 25 -5.86 7.22 -3.65
C ARG A 25 -6.75 7.15 -4.89
N PHE A 26 -6.81 5.98 -5.50
CA PHE A 26 -7.62 5.78 -6.70
C PHE A 26 -6.84 6.15 -7.96
N PHE A 27 -6.00 7.17 -7.83
CA PHE A 27 -5.19 7.64 -8.96
C PHE A 27 -4.59 6.47 -9.72
N ARG A 28 -4.16 5.45 -8.98
CA ARG A 28 -3.56 4.26 -9.59
C ARG A 28 -4.43 3.03 -9.36
N SER A 29 -5.49 3.21 -8.58
CA SER A 29 -6.40 2.11 -8.29
C SER A 29 -5.81 1.17 -7.24
N ALA A 30 -5.44 1.72 -6.10
CA ALA A 30 -4.85 0.93 -5.02
C ALA A 30 -4.57 1.80 -3.79
N CYS A 31 -3.99 1.18 -2.76
CA CYS A 31 -3.66 1.90 -1.54
C CYS A 31 -2.18 1.79 -1.21
N TYR A 32 -1.48 2.91 -1.29
CA TYR A 32 -0.05 2.94 -1.01
C TYR A 32 0.21 3.10 0.49
N CYS A 33 1.27 2.47 0.97
CA CYS A 33 1.64 2.54 2.38
C CYS A 33 2.10 3.94 2.75
N ARG A 34 1.15 4.82 3.04
CA ARG A 34 1.46 6.19 3.41
C ARG A 34 2.38 6.24 4.62
N CYS A 1 4.19 -5.13 6.27
CA CYS A 1 4.42 -5.85 5.02
C CYS A 1 5.49 -5.15 4.19
N VAL A 2 5.25 -3.87 3.89
CA VAL A 2 6.19 -3.08 3.10
C VAL A 2 6.78 -1.95 3.92
N ALA A 3 7.81 -1.30 3.38
CA ALA A 3 8.48 -0.20 4.06
C ALA A 3 7.54 1.00 4.18
N THR A 4 7.43 1.77 3.10
CA THR A 4 6.58 2.94 3.08
C THR A 4 6.64 3.65 1.73
N ARG A 5 5.48 3.83 1.11
CA ARG A 5 5.40 4.50 -0.19
C ARG A 5 6.40 3.89 -1.17
N ASN A 6 6.55 2.56 -1.10
CA ASN A 6 7.47 1.86 -1.98
C ASN A 6 6.73 0.85 -2.85
N SER A 7 6.19 -0.18 -2.22
CA SER A 7 5.45 -1.22 -2.93
C SER A 7 4.67 -2.10 -1.96
N CYS A 8 3.58 -1.55 -1.42
CA CYS A 8 2.75 -2.28 -0.48
C CYS A 8 2.69 -3.76 -0.83
N LYS A 9 2.48 -4.05 -2.12
CA LYS A 9 2.42 -5.43 -2.59
C LYS A 9 3.10 -5.57 -3.94
N PRO A 10 3.67 -6.76 -4.18
CA PRO A 10 4.37 -7.07 -5.44
C PRO A 10 3.42 -7.15 -6.63
N ALA A 11 2.82 -6.03 -6.99
CA ALA A 11 1.89 -5.98 -8.12
C ALA A 11 1.08 -4.69 -8.11
N ALA A 12 0.94 -4.09 -6.94
CA ALA A 12 0.20 -2.84 -6.80
C ALA A 12 0.37 -2.25 -5.41
N ALA A 13 -0.67 -1.57 -4.93
CA ALA A 13 -0.64 -0.96 -3.60
C ALA A 13 -1.66 -1.60 -2.68
N ALA A 14 -1.23 -2.65 -1.97
CA ALA A 14 -2.10 -3.35 -1.03
C ALA A 14 -1.31 -3.95 0.12
N CYS A 15 -0.97 -3.13 1.11
CA CYS A 15 -0.21 -3.58 2.26
C CYS A 15 -0.90 -4.77 2.92
N CYS A 16 -0.18 -5.45 3.82
CA CYS A 16 -0.71 -6.60 4.53
C CYS A 16 -0.61 -6.40 6.03
N ASP A 17 0.31 -5.55 6.45
CA ASP A 17 0.51 -5.26 7.88
C ASP A 17 -0.83 -4.96 8.55
N PRO A 18 -1.10 -5.67 9.67
CA PRO A 18 -2.33 -5.50 10.44
C PRO A 18 -2.39 -4.15 11.16
N ALA A 19 -1.29 -3.81 11.82
CA ALA A 19 -1.20 -2.55 12.55
C ALA A 19 -1.17 -1.36 11.60
N ALA A 20 -0.55 -1.56 10.44
CA ALA A 20 -0.44 -0.51 9.44
C ALA A 20 -1.63 -0.54 8.48
N SER A 21 -1.68 0.45 7.58
CA SER A 21 -2.77 0.54 6.62
C SER A 21 -2.46 1.58 5.54
N CYS A 22 -2.31 1.11 4.31
CA CYS A 22 -2.00 2.01 3.20
C CYS A 22 -3.09 3.06 3.03
N TYR A 23 -3.01 3.84 1.96
CA TYR A 23 -3.98 4.89 1.68
C TYR A 23 -4.45 4.83 0.23
N CYS A 24 -5.74 4.56 0.04
CA CYS A 24 -6.32 4.48 -1.30
C CYS A 24 -6.42 5.87 -1.93
N ARG A 25 -5.75 6.04 -3.07
CA ARG A 25 -5.76 7.32 -3.77
C ARG A 25 -6.66 7.24 -5.01
N PHE A 26 -6.74 6.06 -5.60
CA PHE A 26 -7.56 5.87 -6.79
C PHE A 26 -6.78 6.21 -8.05
N PHE A 27 -5.92 7.22 -7.95
CA PHE A 27 -5.12 7.67 -9.08
C PHE A 27 -4.53 6.47 -9.83
N ARG A 28 -4.11 5.45 -9.07
CA ARG A 28 -3.53 4.26 -9.66
C ARG A 28 -4.42 3.03 -9.41
N SER A 29 -5.48 3.24 -8.63
CA SER A 29 -6.41 2.16 -8.31
C SER A 29 -5.82 1.22 -7.26
N ALA A 30 -5.43 1.79 -6.13
CA ALA A 30 -4.85 1.00 -5.05
C ALA A 30 -4.54 1.88 -3.83
N CYS A 31 -4.00 1.27 -2.79
CA CYS A 31 -3.66 2.00 -1.58
C CYS A 31 -2.17 1.87 -1.26
N TYR A 32 -1.45 2.98 -1.34
CA TYR A 32 -0.02 2.99 -1.07
C TYR A 32 0.25 3.16 0.42
N CYS A 33 1.31 2.53 0.91
CA CYS A 33 1.68 2.61 2.31
C CYS A 33 2.17 4.02 2.66
N ARG A 34 1.22 4.92 2.93
CA ARG A 34 1.55 6.29 3.27
C ARG A 34 2.48 6.34 4.48
N CYS A 1 4.24 -5.15 6.23
CA CYS A 1 4.45 -5.87 4.98
C CYS A 1 5.51 -5.17 4.13
N VAL A 2 5.29 -3.89 3.85
CA VAL A 2 6.22 -3.11 3.05
C VAL A 2 6.87 -2.00 3.87
N ALA A 3 7.89 -1.37 3.31
CA ALA A 3 8.58 -0.28 3.99
C ALA A 3 7.68 0.93 4.16
N THR A 4 7.53 1.71 3.09
CA THR A 4 6.70 2.90 3.12
C THR A 4 6.71 3.62 1.78
N ARG A 5 5.53 3.82 1.20
CA ARG A 5 5.40 4.49 -0.09
C ARG A 5 6.39 3.92 -1.10
N ASN A 6 6.54 2.59 -1.09
CA ASN A 6 7.45 1.91 -2.00
C ASN A 6 6.71 0.91 -2.87
N SER A 7 6.18 -0.14 -2.24
CA SER A 7 5.44 -1.17 -2.96
C SER A 7 4.67 -2.06 -1.99
N CYS A 8 3.61 -1.51 -1.41
CA CYS A 8 2.79 -2.26 -0.46
C CYS A 8 2.76 -3.74 -0.82
N LYS A 9 2.49 -4.04 -2.09
CA LYS A 9 2.43 -5.41 -2.56
C LYS A 9 3.14 -5.57 -3.91
N PRO A 10 3.70 -6.76 -4.15
CA PRO A 10 4.42 -7.05 -5.39
C PRO A 10 3.49 -7.14 -6.59
N ALA A 11 2.90 -6.00 -6.96
CA ALA A 11 1.99 -5.95 -8.10
C ALA A 11 1.19 -4.65 -8.11
N ALA A 12 1.02 -4.06 -6.92
CA ALA A 12 0.29 -2.81 -6.79
C ALA A 12 0.43 -2.23 -5.39
N ALA A 13 -0.62 -1.57 -4.91
CA ALA A 13 -0.61 -0.97 -3.59
C ALA A 13 -1.63 -1.64 -2.67
N ALA A 14 -1.18 -2.67 -1.96
CA ALA A 14 -2.05 -3.39 -1.04
C ALA A 14 -1.26 -3.99 0.12
N CYS A 15 -0.95 -3.14 1.10
CA CYS A 15 -0.19 -3.59 2.26
C CYS A 15 -0.87 -4.78 2.95
N CYS A 16 -0.14 -5.44 3.84
CA CYS A 16 -0.67 -6.59 4.55
C CYS A 16 -0.56 -6.39 6.06
N ASP A 17 0.36 -5.54 6.47
CA ASP A 17 0.57 -5.26 7.89
C ASP A 17 -0.76 -4.98 8.59
N PRO A 18 -1.01 -5.69 9.69
CA PRO A 18 -2.24 -5.52 10.47
C PRO A 18 -2.29 -4.19 11.21
N ALA A 19 -1.18 -3.84 11.86
CA ALA A 19 -1.11 -2.58 12.61
C ALA A 19 -1.07 -1.39 11.66
N ALA A 20 -0.50 -1.59 10.47
CA ALA A 20 -0.40 -0.54 9.47
C ALA A 20 -1.57 -0.59 8.50
N SER A 21 -1.67 0.42 7.63
CA SER A 21 -2.74 0.49 6.66
C SER A 21 -2.44 1.53 5.58
N CYS A 22 -2.28 1.07 4.34
CA CYS A 22 -1.99 1.97 3.23
C CYS A 22 -3.08 3.01 3.07
N TYR A 23 -2.99 3.79 1.99
CA TYR A 23 -3.98 4.83 1.73
C TYR A 23 -4.45 4.77 0.28
N CYS A 24 -5.75 4.50 0.10
CA CYS A 24 -6.33 4.41 -1.24
C CYS A 24 -6.44 5.80 -1.88
N ARG A 25 -5.79 5.97 -3.01
CA ARG A 25 -5.82 7.25 -3.72
C ARG A 25 -6.72 7.17 -4.95
N PHE A 26 -6.80 5.98 -5.54
CA PHE A 26 -7.62 5.77 -6.73
C PHE A 26 -6.86 6.13 -7.99
N PHE A 27 -6.02 7.15 -7.90
CA PHE A 27 -5.21 7.59 -9.04
C PHE A 27 -4.62 6.40 -9.79
N ARG A 28 -4.20 5.39 -9.04
CA ARG A 28 -3.61 4.19 -9.62
C ARG A 28 -4.49 2.97 -9.37
N SER A 29 -5.55 3.17 -8.57
CA SER A 29 -6.46 2.08 -8.26
C SER A 29 -5.85 1.14 -7.21
N ALA A 30 -5.46 1.71 -6.08
CA ALA A 30 -4.86 0.93 -4.99
C ALA A 30 -4.55 1.81 -3.79
N CYS A 31 -3.99 1.21 -2.75
CA CYS A 31 -3.66 1.94 -1.53
C CYS A 31 -2.17 1.81 -1.22
N TYR A 32 -1.45 2.93 -1.29
CA TYR A 32 -0.03 2.94 -1.03
C TYR A 32 0.25 3.14 0.46
N CYS A 33 1.31 2.51 0.94
CA CYS A 33 1.69 2.62 2.35
C CYS A 33 2.17 4.03 2.69
N ARG A 34 1.23 4.93 2.91
CA ARG A 34 1.54 6.31 3.23
C ARG A 34 2.53 6.37 4.40
N CYS A 1 4.23 -5.26 6.23
CA CYS A 1 4.46 -5.95 4.97
C CYS A 1 5.52 -5.23 4.14
N VAL A 2 5.28 -3.95 3.87
CA VAL A 2 6.21 -3.15 3.08
C VAL A 2 6.79 -2.02 3.91
N ALA A 3 7.82 -1.37 3.38
CA ALA A 3 8.46 -0.25 4.07
C ALA A 3 7.52 0.93 4.20
N THR A 4 7.40 1.70 3.13
CA THR A 4 6.53 2.88 3.11
C THR A 4 6.60 3.61 1.77
N ARG A 5 5.43 3.79 1.15
CA ARG A 5 5.36 4.48 -0.13
C ARG A 5 6.35 3.88 -1.12
N ASN A 6 6.51 2.56 -1.07
CA ASN A 6 7.43 1.86 -1.96
C ASN A 6 6.69 0.85 -2.84
N SER A 7 6.19 -0.21 -2.22
CA SER A 7 5.47 -1.24 -2.95
C SER A 7 4.69 -2.13 -1.97
N CYS A 8 3.61 -1.60 -1.43
CA CYS A 8 2.78 -2.35 -0.49
C CYS A 8 2.74 -3.83 -0.86
N LYS A 9 2.52 -4.11 -2.14
CA LYS A 9 2.47 -5.49 -2.61
C LYS A 9 3.16 -5.63 -3.97
N PRO A 10 3.73 -6.81 -4.23
CA PRO A 10 4.43 -7.09 -5.49
C PRO A 10 3.47 -7.18 -6.68
N ALA A 11 2.87 -6.05 -7.02
CA ALA A 11 1.94 -6.00 -8.15
C ALA A 11 1.15 -4.69 -8.14
N ALA A 12 0.99 -4.11 -6.95
CA ALA A 12 0.24 -2.86 -6.81
C ALA A 12 0.41 -2.28 -5.41
N ALA A 13 -0.63 -1.62 -4.93
CA ALA A 13 -0.60 -1.02 -3.60
C ALA A 13 -1.63 -1.68 -2.68
N ALA A 14 -1.19 -2.73 -1.98
CA ALA A 14 -2.06 -3.45 -1.06
C ALA A 14 -1.27 -4.06 0.09
N CYS A 15 -0.95 -3.23 1.09
CA CYS A 15 -0.19 -3.70 2.24
C CYS A 15 -0.87 -4.89 2.90
N CYS A 16 -0.14 -5.56 3.80
CA CYS A 16 -0.67 -6.73 4.49
C CYS A 16 -0.57 -6.55 6.00
N ASP A 17 0.33 -5.68 6.43
CA ASP A 17 0.53 -5.42 7.85
C ASP A 17 -0.81 -5.14 8.53
N PRO A 18 -1.08 -5.87 9.62
CA PRO A 18 -2.33 -5.73 10.39
C PRO A 18 -2.38 -4.40 11.15
N ALA A 19 -1.28 -4.06 11.82
CA ALA A 19 -1.20 -2.81 12.57
C ALA A 19 -1.16 -1.61 11.65
N ALA A 20 -0.61 -1.79 10.46
CA ALA A 20 -0.50 -0.72 9.48
C ALA A 20 -1.67 -0.75 8.50
N SER A 21 -1.72 0.22 7.61
CA SER A 21 -2.79 0.30 6.62
C SER A 21 -2.48 1.37 5.56
N CYS A 22 -2.31 0.93 4.32
CA CYS A 22 -2.01 1.85 3.23
C CYS A 22 -3.11 2.91 3.08
N TYR A 23 -3.02 3.70 2.02
CA TYR A 23 -4.01 4.73 1.76
C TYR A 23 -4.48 4.69 0.31
N CYS A 24 -5.77 4.42 0.13
CA CYS A 24 -6.35 4.34 -1.22
C CYS A 24 -6.48 5.73 -1.82
N ARG A 25 -5.81 5.93 -2.96
CA ARG A 25 -5.84 7.22 -3.65
C ARG A 25 -6.74 7.15 -4.89
N PHE A 26 -6.79 5.97 -5.50
CA PHE A 26 -7.61 5.78 -6.69
C PHE A 26 -6.83 6.16 -7.95
N PHE A 27 -5.98 7.18 -7.83
CA PHE A 27 -5.18 7.64 -8.96
C PHE A 27 -4.58 6.47 -9.71
N ARG A 28 -4.14 5.45 -8.98
CA ARG A 28 -3.54 4.26 -9.58
C ARG A 28 -4.42 3.03 -9.35
N SER A 29 -5.49 3.21 -8.59
CA SER A 29 -6.40 2.12 -8.30
C SER A 29 -5.81 1.17 -7.26
N ALA A 30 -5.43 1.72 -6.10
CA ALA A 30 -4.85 0.93 -5.03
C ALA A 30 -4.56 1.79 -3.81
N CYS A 31 -3.98 1.19 -2.78
CA CYS A 31 -3.65 1.90 -1.55
C CYS A 31 -2.17 1.78 -1.23
N TYR A 32 -1.46 2.90 -1.31
CA TYR A 32 -0.03 2.92 -1.03
C TYR A 32 0.23 3.09 0.46
N CYS A 33 1.29 2.45 0.94
CA CYS A 33 1.66 2.52 2.35
C CYS A 33 2.13 3.92 2.72
N ARG A 34 1.18 4.81 3.00
CA ARG A 34 1.50 6.18 3.37
C ARG A 34 2.43 6.21 4.58
N CYS A 1 4.20 -5.01 6.29
CA CYS A 1 4.43 -5.75 5.04
C CYS A 1 5.49 -5.08 4.18
N VAL A 2 5.27 -3.81 3.88
CA VAL A 2 6.21 -3.04 3.06
C VAL A 2 6.84 -1.92 3.87
N ALA A 3 7.88 -1.31 3.30
CA ALA A 3 8.58 -0.22 3.97
C ALA A 3 7.68 1.00 4.13
N THR A 4 7.54 1.77 3.05
CA THR A 4 6.70 2.97 3.07
C THR A 4 6.72 3.68 1.72
N ARG A 5 5.54 3.87 1.15
CA ARG A 5 5.42 4.53 -0.14
C ARG A 5 6.40 3.94 -1.15
N ASN A 6 6.58 2.62 -1.10
CA ASN A 6 7.47 1.92 -2.01
C ASN A 6 6.72 0.93 -2.88
N SER A 7 6.18 -0.11 -2.25
CA SER A 7 5.43 -1.14 -2.96
C SER A 7 4.66 -2.03 -1.99
N CYS A 8 3.59 -1.48 -1.42
CA CYS A 8 2.76 -2.22 -0.48
C CYS A 8 2.73 -3.71 -0.83
N LYS A 9 2.48 -3.99 -2.10
CA LYS A 9 2.43 -5.38 -2.57
C LYS A 9 3.12 -5.53 -3.91
N PRO A 10 3.70 -6.72 -4.16
CA PRO A 10 4.39 -7.01 -5.42
C PRO A 10 3.45 -7.11 -6.60
N ALA A 11 2.84 -5.99 -6.97
CA ALA A 11 1.92 -5.95 -8.10
C ALA A 11 1.11 -4.66 -8.10
N ALA A 12 0.95 -4.06 -6.93
CA ALA A 12 0.20 -2.82 -6.79
C ALA A 12 0.37 -2.23 -5.40
N ALA A 13 -0.68 -1.56 -4.92
CA ALA A 13 -0.64 -0.93 -3.60
C ALA A 13 -1.66 -1.58 -2.66
N ALA A 14 -1.21 -2.60 -1.94
CA ALA A 14 -2.09 -3.31 -1.01
C ALA A 14 -1.30 -3.89 0.16
N CYS A 15 -0.97 -3.05 1.13
CA CYS A 15 -0.21 -3.50 2.29
C CYS A 15 -0.89 -4.68 2.98
N CYS A 16 -0.17 -5.33 3.88
CA CYS A 16 -0.71 -6.48 4.61
C CYS A 16 -0.60 -6.26 6.11
N ASP A 17 0.33 -5.40 6.51
CA ASP A 17 0.53 -5.10 7.93
C ASP A 17 -0.80 -4.79 8.62
N PRO A 18 -1.06 -5.50 9.73
CA PRO A 18 -2.30 -5.32 10.50
C PRO A 18 -2.34 -3.97 11.22
N ALA A 19 -1.23 -3.63 11.87
CA ALA A 19 -1.14 -2.37 12.60
C ALA A 19 -1.10 -1.18 11.65
N ALA A 20 -0.53 -1.40 10.47
CA ALA A 20 -0.43 -0.35 9.46
C ALA A 20 -1.60 -0.39 8.50
N SER A 21 -1.66 0.58 7.58
CA SER A 21 -2.74 0.65 6.62
C SER A 21 -2.43 1.69 5.53
N CYS A 22 -2.28 1.22 4.30
CA CYS A 22 -1.97 2.09 3.18
C CYS A 22 -3.06 3.16 3.01
N TYR A 23 -2.98 3.91 1.92
CA TYR A 23 -3.95 4.96 1.64
C TYR A 23 -4.42 4.89 0.20
N CYS A 24 -5.71 4.63 0.02
CA CYS A 24 -6.29 4.53 -1.32
C CYS A 24 -6.40 5.91 -1.97
N ARG A 25 -5.74 6.06 -3.11
CA ARG A 25 -5.74 7.33 -3.83
C ARG A 25 -6.65 7.25 -5.06
N PHE A 26 -6.74 6.06 -5.64
CA PHE A 26 -7.56 5.84 -6.83
C PHE A 26 -6.79 6.18 -8.09
N PHE A 27 -5.93 7.18 -8.01
CA PHE A 27 -5.12 7.61 -9.15
C PHE A 27 -4.54 6.40 -9.88
N ARG A 28 -4.14 5.40 -9.12
CA ARG A 28 -3.56 4.19 -9.69
C ARG A 28 -4.46 2.98 -9.42
N SER A 29 -5.51 3.18 -8.64
CA SER A 29 -6.44 2.11 -8.30
C SER A 29 -5.84 1.19 -7.25
N ALA A 30 -5.44 1.77 -6.11
CA ALA A 30 -4.86 1.00 -5.03
C ALA A 30 -4.54 1.89 -3.83
N CYS A 31 -3.99 1.29 -2.78
CA CYS A 31 -3.64 2.04 -1.57
C CYS A 31 -2.15 1.90 -1.27
N TYR A 32 -1.43 3.01 -1.36
CA TYR A 32 0.00 3.01 -1.09
C TYR A 32 0.27 3.22 0.40
N CYS A 33 1.34 2.60 0.89
CA CYS A 33 1.72 2.70 2.29
C CYS A 33 2.20 4.11 2.62
N ARG A 34 1.26 5.02 2.82
CA ARG A 34 1.59 6.41 3.14
C ARG A 34 2.58 6.48 4.29
N CYS A 1 4.23 -5.13 6.27
CA CYS A 1 4.45 -5.85 5.02
C CYS A 1 5.50 -5.16 4.16
N VAL A 2 5.28 -3.88 3.88
CA VAL A 2 6.21 -3.11 3.06
C VAL A 2 6.86 -2.00 3.87
N ALA A 3 7.87 -1.37 3.30
CA ALA A 3 8.58 -0.28 3.98
C ALA A 3 7.68 0.93 4.17
N THR A 4 7.52 1.72 3.11
CA THR A 4 6.68 2.91 3.16
C THR A 4 6.70 3.64 1.83
N ARG A 5 5.50 3.84 1.26
CA ARG A 5 5.37 4.53 -0.02
C ARG A 5 6.34 3.96 -1.04
N ASN A 6 6.51 2.64 -1.03
CA ASN A 6 7.42 1.98 -1.95
C ASN A 6 6.67 0.99 -2.84
N SER A 7 6.15 -0.08 -2.23
CA SER A 7 5.41 -1.09 -2.95
C SER A 7 4.65 -2.00 -1.99
N CYS A 8 3.59 -1.49 -1.41
CA CYS A 8 2.78 -2.25 -0.47
C CYS A 8 2.77 -3.74 -0.84
N LYS A 9 2.51 -4.02 -2.12
CA LYS A 9 2.48 -5.39 -2.61
C LYS A 9 3.18 -5.50 -3.96
N PRO A 10 3.77 -6.67 -4.22
CA PRO A 10 4.48 -6.95 -5.47
C PRO A 10 3.54 -7.03 -6.66
N ALA A 11 2.93 -5.91 -7.02
CA ALA A 11 2.01 -5.88 -8.15
C ALA A 11 1.18 -4.59 -8.14
N ALA A 12 1.01 -4.02 -6.94
CA ALA A 12 0.24 -2.79 -6.80
C ALA A 12 0.40 -2.21 -5.39
N ALA A 13 -0.65 -1.58 -4.89
CA ALA A 13 -0.63 -0.98 -3.56
C ALA A 13 -1.65 -1.64 -2.64
N ALA A 14 -1.21 -2.67 -1.92
CA ALA A 14 -2.08 -3.38 -0.99
C ALA A 14 -1.29 -3.98 0.16
N CYS A 15 -0.96 -3.15 1.15
CA CYS A 15 -0.20 -3.59 2.31
C CYS A 15 -0.88 -4.78 2.97
N CYS A 16 -0.16 -5.44 3.87
CA CYS A 16 -0.68 -6.60 4.59
C CYS A 16 -0.57 -6.40 6.09
N ASP A 17 0.34 -5.54 6.51
CA ASP A 17 0.55 -5.26 7.92
C ASP A 17 -0.78 -4.98 8.62
N PRO A 18 -1.03 -5.69 9.72
CA PRO A 18 -2.25 -5.53 10.51
C PRO A 18 -2.31 -4.19 11.24
N ALA A 19 -1.21 -3.83 11.90
CA ALA A 19 -1.13 -2.57 12.64
C ALA A 19 -1.09 -1.38 11.69
N ALA A 20 -0.52 -1.59 10.50
CA ALA A 20 -0.42 -0.54 9.50
C ALA A 20 -1.59 -0.59 8.53
N SER A 21 -1.68 0.40 7.66
CA SER A 21 -2.76 0.48 6.67
C SER A 21 -2.46 1.52 5.61
N CYS A 22 -2.29 1.07 4.37
CA CYS A 22 -2.00 1.96 3.26
C CYS A 22 -3.10 3.01 3.09
N TYR A 23 -3.02 3.78 2.02
CA TYR A 23 -4.00 4.83 1.75
C TYR A 23 -4.47 4.76 0.30
N CYS A 24 -5.77 4.49 0.11
CA CYS A 24 -6.33 4.40 -1.23
C CYS A 24 -6.45 5.79 -1.85
N ARG A 25 -5.80 5.96 -2.99
CA ARG A 25 -5.82 7.24 -3.70
C ARG A 25 -6.72 7.17 -4.93
N PHE A 26 -6.79 5.98 -5.53
CA PHE A 26 -7.61 5.77 -6.72
C PHE A 26 -6.83 6.13 -7.99
N PHE A 27 -5.98 7.15 -7.89
CA PHE A 27 -5.19 7.59 -9.02
C PHE A 27 -4.59 6.40 -9.76
N ARG A 28 -4.17 5.38 -9.01
CA ARG A 28 -3.58 4.18 -9.59
C ARG A 28 -4.47 2.97 -9.34
N SER A 29 -5.52 3.16 -8.56
CA SER A 29 -6.44 2.07 -8.24
C SER A 29 -5.83 1.14 -7.19
N ALA A 30 -5.45 1.71 -6.05
CA ALA A 30 -4.85 0.94 -4.97
C ALA A 30 -4.54 1.82 -3.77
N CYS A 31 -4.00 1.21 -2.71
CA CYS A 31 -3.66 1.94 -1.50
C CYS A 31 -2.18 1.82 -1.19
N TYR A 32 -1.46 2.93 -1.26
CA TYR A 32 -0.03 2.95 -1.00
C TYR A 32 0.24 3.14 0.50
N CYS A 33 1.31 2.51 0.98
CA CYS A 33 1.68 2.61 2.39
C CYS A 33 2.15 4.03 2.73
N ARG A 34 1.19 4.92 2.95
CA ARG A 34 1.51 6.31 3.28
C ARG A 34 2.48 6.37 4.45
N CYS A 1 4.26 -5.11 6.27
CA CYS A 1 4.47 -5.84 5.02
C CYS A 1 5.52 -5.16 4.15
N VAL A 2 5.29 -3.88 3.86
CA VAL A 2 6.22 -3.10 3.04
C VAL A 2 6.88 -1.99 3.85
N ALA A 3 7.89 -1.36 3.26
CA ALA A 3 8.61 -0.29 3.92
C ALA A 3 7.71 0.92 4.12
N THR A 4 7.55 1.72 3.06
CA THR A 4 6.72 2.91 3.12
C THR A 4 6.71 3.64 1.78
N ARG A 5 5.52 3.84 1.22
CA ARG A 5 5.38 4.52 -0.06
C ARG A 5 6.35 3.94 -1.09
N ASN A 6 6.52 2.62 -1.07
CA ASN A 6 7.43 1.96 -1.99
C ASN A 6 6.66 0.97 -2.88
N SER A 7 6.16 -0.09 -2.26
CA SER A 7 5.40 -1.11 -2.98
C SER A 7 4.65 -2.02 -2.02
N CYS A 8 3.58 -1.49 -1.43
CA CYS A 8 2.78 -2.26 -0.49
C CYS A 8 2.76 -3.74 -0.86
N LYS A 9 2.50 -4.03 -2.13
CA LYS A 9 2.46 -5.40 -2.61
C LYS A 9 3.16 -5.52 -3.97
N PRO A 10 3.75 -6.69 -4.23
CA PRO A 10 4.45 -6.97 -5.49
C PRO A 10 3.50 -7.06 -6.67
N ALA A 11 2.90 -5.94 -7.03
CA ALA A 11 1.96 -5.90 -8.16
C ALA A 11 1.14 -4.62 -8.14
N ALA A 12 0.97 -4.05 -6.94
CA ALA A 12 0.20 -2.83 -6.79
C ALA A 12 0.37 -2.23 -5.40
N ALA A 13 -0.68 -1.60 -4.89
CA ALA A 13 -0.64 -0.99 -3.57
C ALA A 13 -1.65 -1.64 -2.64
N ALA A 14 -1.22 -2.67 -1.91
CA ALA A 14 -2.09 -3.38 -0.99
C ALA A 14 -1.29 -3.98 0.16
N CYS A 15 -0.95 -3.15 1.14
CA CYS A 15 -0.18 -3.60 2.30
C CYS A 15 -0.86 -4.80 2.97
N CYS A 16 -0.14 -5.46 3.87
CA CYS A 16 -0.67 -6.61 4.58
C CYS A 16 -0.56 -6.41 6.09
N ASP A 17 0.35 -5.54 6.50
CA ASP A 17 0.56 -5.26 7.91
C ASP A 17 -0.77 -4.96 8.61
N PRO A 18 -1.02 -5.67 9.72
CA PRO A 18 -2.26 -5.50 10.50
C PRO A 18 -2.30 -4.15 11.23
N ALA A 19 -1.21 -3.82 11.89
CA ALA A 19 -1.11 -2.56 12.63
C ALA A 19 -1.07 -1.37 11.68
N ALA A 20 -0.52 -1.59 10.49
CA ALA A 20 -0.41 -0.53 9.48
C ALA A 20 -1.59 -0.58 8.51
N SER A 21 -1.67 0.41 7.64
CA SER A 21 -2.75 0.49 6.66
C SER A 21 -2.44 1.53 5.59
N CYS A 22 -2.29 1.07 4.36
CA CYS A 22 -1.99 1.97 3.24
C CYS A 22 -3.09 3.02 3.08
N TYR A 23 -3.00 3.79 2.01
CA TYR A 23 -3.98 4.84 1.74
C TYR A 23 -4.45 4.78 0.29
N CYS A 24 -5.75 4.50 0.10
CA CYS A 24 -6.33 4.42 -1.23
C CYS A 24 -6.44 5.81 -1.86
N ARG A 25 -5.77 5.98 -3.01
CA ARG A 25 -5.80 7.26 -3.71
C ARG A 25 -6.70 7.18 -4.95
N PHE A 26 -6.78 6.00 -5.54
CA PHE A 26 -7.60 5.78 -6.73
C PHE A 26 -6.82 6.15 -8.00
N PHE A 27 -5.97 7.16 -7.89
CA PHE A 27 -5.17 7.60 -9.03
C PHE A 27 -4.58 6.40 -9.77
N ARG A 28 -4.16 5.38 -9.02
CA ARG A 28 -3.58 4.18 -9.60
C ARG A 28 -4.47 2.97 -9.35
N SER A 29 -5.52 3.16 -8.56
CA SER A 29 -6.44 2.08 -8.24
C SER A 29 -5.85 1.15 -7.19
N ALA A 30 -5.46 1.72 -6.06
CA ALA A 30 -4.86 0.94 -4.98
C ALA A 30 -4.55 1.82 -3.77
N CYS A 31 -4.01 1.21 -2.72
CA CYS A 31 -3.66 1.95 -1.51
C CYS A 31 -2.17 1.82 -1.20
N TYR A 32 -1.46 2.93 -1.28
CA TYR A 32 -0.03 2.95 -1.01
C TYR A 32 0.24 3.13 0.48
N CYS A 33 1.32 2.51 0.96
CA CYS A 33 1.69 2.61 2.36
C CYS A 33 2.17 4.03 2.70
N ARG A 34 1.21 4.93 2.92
CA ARG A 34 1.54 6.31 3.25
C ARG A 34 2.52 6.37 4.42
N CYS A 1 4.19 -5.26 6.24
CA CYS A 1 4.44 -5.95 5.00
C CYS A 1 5.50 -5.22 4.17
N VAL A 2 5.25 -3.94 3.89
CA VAL A 2 6.18 -3.13 3.12
C VAL A 2 6.76 -1.99 3.96
N ALA A 3 7.78 -1.34 3.44
CA ALA A 3 8.42 -0.23 4.14
C ALA A 3 7.48 0.95 4.27
N THR A 4 7.36 1.73 3.20
CA THR A 4 6.49 2.90 3.19
C THR A 4 6.56 3.64 1.86
N ARG A 5 5.41 3.82 1.23
CA ARG A 5 5.33 4.51 -0.05
C ARG A 5 6.34 3.93 -1.04
N ASN A 6 6.51 2.61 -1.00
CA ASN A 6 7.44 1.93 -1.88
C ASN A 6 6.71 0.92 -2.78
N SER A 7 6.17 -0.12 -2.16
CA SER A 7 5.45 -1.15 -2.89
C SER A 7 4.68 -2.06 -1.94
N CYS A 8 3.59 -1.54 -1.40
CA CYS A 8 2.75 -2.31 -0.47
C CYS A 8 2.74 -3.78 -0.85
N LYS A 9 2.53 -4.06 -2.13
CA LYS A 9 2.48 -5.43 -2.63
C LYS A 9 3.20 -5.53 -3.98
N PRO A 10 3.78 -6.71 -4.25
CA PRO A 10 4.49 -6.97 -5.50
C PRO A 10 3.55 -7.06 -6.70
N ALA A 11 2.93 -5.94 -7.04
CA ALA A 11 2.00 -5.88 -8.17
C ALA A 11 1.19 -4.59 -8.15
N ALA A 12 1.03 -4.02 -6.97
CA ALA A 12 0.27 -2.78 -6.82
C ALA A 12 0.42 -2.22 -5.42
N ALA A 13 -0.64 -1.58 -4.92
CA ALA A 13 -0.62 -0.99 -3.58
C ALA A 13 -1.64 -1.66 -2.68
N ALA A 14 -1.21 -2.70 -1.97
CA ALA A 14 -2.08 -3.43 -1.06
C ALA A 14 -1.29 -4.04 0.09
N CYS A 15 -0.97 -3.23 1.09
CA CYS A 15 -0.21 -3.68 2.24
C CYS A 15 -0.89 -4.89 2.89
N CYS A 16 -0.15 -5.58 3.76
CA CYS A 16 -0.68 -6.75 4.46
C CYS A 16 -0.58 -6.58 5.97
N ASP A 17 0.32 -5.71 6.40
CA ASP A 17 0.51 -5.46 7.83
C ASP A 17 -0.82 -5.18 8.52
N PRO A 18 -1.08 -5.91 9.62
CA PRO A 18 -2.32 -5.76 10.38
C PRO A 18 -2.38 -4.43 11.13
N ALA A 19 -1.29 -4.07 11.79
CA ALA A 19 -1.23 -2.81 12.54
C ALA A 19 -1.19 -1.62 11.60
N ALA A 20 -0.59 -1.81 10.44
CA ALA A 20 -0.49 -0.75 9.45
C ALA A 20 -1.66 -0.78 8.47
N SER A 21 -1.75 0.23 7.62
CA SER A 21 -2.83 0.32 6.65
C SER A 21 -2.54 1.38 5.59
N CYS A 22 -2.36 0.95 4.35
CA CYS A 22 -2.07 1.85 3.24
C CYS A 22 -3.17 2.90 3.10
N TYR A 23 -3.09 3.68 2.03
CA TYR A 23 -4.08 4.72 1.77
C TYR A 23 -4.55 4.67 0.31
N CYS A 24 -5.83 4.39 0.12
CA CYS A 24 -6.40 4.32 -1.22
C CYS A 24 -6.52 5.71 -1.83
N ARG A 25 -5.85 5.91 -2.96
CA ARG A 25 -5.90 7.20 -3.65
C ARG A 25 -6.78 7.13 -4.89
N PHE A 26 -6.83 5.94 -5.51
CA PHE A 26 -7.64 5.75 -6.70
C PHE A 26 -6.87 6.14 -7.95
N PHE A 27 -6.03 7.16 -7.84
CA PHE A 27 -5.23 7.62 -8.96
C PHE A 27 -4.61 6.44 -9.71
N ARG A 28 -4.19 5.44 -8.97
CA ARG A 28 -3.58 4.26 -9.57
C ARG A 28 -4.45 3.02 -9.35
N SER A 29 -5.52 3.18 -8.57
CA SER A 29 -6.43 2.09 -8.28
C SER A 29 -5.83 1.15 -7.24
N ALA A 30 -5.45 1.71 -6.09
CA ALA A 30 -4.86 0.92 -5.01
C ALA A 30 -4.56 1.79 -3.79
N CYS A 31 -4.02 1.18 -2.75
CA CYS A 31 -3.70 1.89 -1.52
C CYS A 31 -2.20 1.78 -1.20
N TYR A 32 -1.51 2.91 -1.26
CA TYR A 32 -0.08 2.93 -0.98
C TYR A 32 0.19 3.10 0.51
N CYS A 33 1.25 2.47 0.99
CA CYS A 33 1.61 2.54 2.41
C CYS A 33 2.08 3.95 2.77
N ARG A 34 1.13 4.83 3.05
CA ARG A 34 1.45 6.21 3.40
C ARG A 34 2.39 6.25 4.61
N CYS A 1 4.26 -5.28 6.20
CA CYS A 1 4.47 -5.94 4.91
C CYS A 1 5.54 -5.22 4.10
N VAL A 2 5.30 -3.93 3.83
CA VAL A 2 6.24 -3.13 3.07
C VAL A 2 6.80 -1.98 3.90
N ALA A 3 7.83 -1.32 3.38
CA ALA A 3 8.44 -0.21 4.08
C ALA A 3 7.50 0.98 4.19
N THR A 4 7.37 1.73 3.09
CA THR A 4 6.50 2.89 3.06
C THR A 4 6.59 3.62 1.73
N ARG A 5 5.45 3.82 1.08
CA ARG A 5 5.41 4.51 -0.20
C ARG A 5 6.41 3.89 -1.17
N ASN A 6 6.43 2.57 -1.24
CA ASN A 6 7.36 1.86 -2.12
C ASN A 6 6.61 0.82 -2.96
N SER A 7 6.21 -0.26 -2.31
CA SER A 7 5.49 -1.34 -2.99
C SER A 7 4.71 -2.19 -1.99
N CYS A 8 3.63 -1.62 -1.46
CA CYS A 8 2.78 -2.32 -0.50
C CYS A 8 2.71 -3.81 -0.82
N LYS A 9 2.52 -4.12 -2.10
CA LYS A 9 2.42 -5.50 -2.55
C LYS A 9 3.09 -5.69 -3.90
N PRO A 10 3.63 -6.90 -4.15
CA PRO A 10 4.31 -7.22 -5.40
C PRO A 10 3.34 -7.31 -6.58
N ALA A 11 2.76 -6.17 -6.95
CA ALA A 11 1.82 -6.12 -8.06
C ALA A 11 1.06 -4.80 -8.08
N ALA A 12 0.92 -4.19 -6.91
CA ALA A 12 0.22 -2.92 -6.78
C ALA A 12 0.40 -2.32 -5.39
N ALA A 13 -0.63 -1.61 -4.92
CA ALA A 13 -0.58 -0.99 -3.60
C ALA A 13 -1.61 -1.62 -2.66
N ALA A 14 -1.19 -2.67 -1.96
CA ALA A 14 -2.07 -3.37 -1.04
C ALA A 14 -1.27 -3.99 0.11
N CYS A 15 -0.91 -3.17 1.10
CA CYS A 15 -0.16 -3.63 2.25
C CYS A 15 -0.84 -4.83 2.90
N CYS A 16 -0.12 -5.49 3.80
CA CYS A 16 -0.65 -6.66 4.50
C CYS A 16 -0.57 -6.48 6.01
N ASP A 17 0.37 -5.64 6.44
CA ASP A 17 0.56 -5.37 7.86
C ASP A 17 -0.78 -5.05 8.54
N PRO A 18 -1.06 -5.76 9.64
CA PRO A 18 -2.30 -5.57 10.40
C PRO A 18 -2.34 -4.23 11.13
N ALA A 19 -1.26 -3.91 11.82
CA ALA A 19 -1.16 -2.65 12.57
C ALA A 19 -1.11 -1.47 11.62
N ALA A 20 -0.53 -1.68 10.44
CA ALA A 20 -0.41 -0.62 9.44
C ALA A 20 -1.58 -0.65 8.47
N SER A 21 -1.65 0.35 7.59
CA SER A 21 -2.72 0.44 6.60
C SER A 21 -2.41 1.49 5.55
N CYS A 22 -2.27 1.04 4.31
CA CYS A 22 -1.95 1.94 3.20
C CYS A 22 -3.04 2.99 3.05
N TYR A 23 -2.96 3.77 1.97
CA TYR A 23 -3.94 4.82 1.70
C TYR A 23 -4.40 4.79 0.25
N CYS A 24 -5.69 4.52 0.05
CA CYS A 24 -6.26 4.45 -1.29
C CYS A 24 -6.35 5.84 -1.91
N ARG A 25 -5.68 6.03 -3.04
CA ARG A 25 -5.70 7.32 -3.73
C ARG A 25 -6.57 7.25 -4.97
N PHE A 26 -6.65 6.08 -5.59
CA PHE A 26 -7.46 5.89 -6.78
C PHE A 26 -6.66 6.25 -8.04
N PHE A 27 -5.80 7.25 -7.91
CA PHE A 27 -4.98 7.70 -9.03
C PHE A 27 -4.39 6.51 -9.78
N ARG A 28 -3.97 5.49 -9.04
CA ARG A 28 -3.39 4.30 -9.63
C ARG A 28 -4.29 3.08 -9.41
N SER A 29 -5.36 3.28 -8.65
CA SER A 29 -6.29 2.20 -8.35
C SER A 29 -5.71 1.25 -7.30
N ALA A 30 -5.34 1.81 -6.15
CA ALA A 30 -4.77 1.01 -5.08
C ALA A 30 -4.47 1.88 -3.85
N CYS A 31 -3.92 1.27 -2.82
CA CYS A 31 -3.59 1.98 -1.59
C CYS A 31 -2.11 1.83 -1.26
N TYR A 32 -1.39 2.96 -1.32
CA TYR A 32 0.04 2.96 -1.04
C TYR A 32 0.30 3.12 0.45
N CYS A 33 1.37 2.50 0.93
CA CYS A 33 1.73 2.57 2.34
C CYS A 33 2.20 3.98 2.71
N ARG A 34 1.25 4.86 2.98
CA ARG A 34 1.58 6.23 3.35
C ARG A 34 2.48 6.28 4.57
N CYS A 1 4.21 -5.14 6.25
CA CYS A 1 4.44 -5.86 5.01
C CYS A 1 5.50 -5.16 4.16
N VAL A 2 5.27 -3.88 3.87
CA VAL A 2 6.20 -3.11 3.07
C VAL A 2 6.83 -1.99 3.90
N ALA A 3 7.85 -1.35 3.34
CA ALA A 3 8.55 -0.27 4.03
C ALA A 3 7.63 0.95 4.20
N THR A 4 7.49 1.73 3.15
CA THR A 4 6.65 2.92 3.18
C THR A 4 6.66 3.64 1.84
N ARG A 5 5.48 3.83 1.26
CA ARG A 5 5.36 4.52 -0.03
C ARG A 5 6.35 3.95 -1.04
N ASN A 6 6.51 2.63 -1.03
CA ASN A 6 7.43 1.96 -1.94
C ASN A 6 6.68 0.97 -2.82
N SER A 7 6.17 -0.09 -2.20
CA SER A 7 5.43 -1.12 -2.94
C SER A 7 4.66 -2.03 -1.97
N CYS A 8 3.59 -1.49 -1.39
CA CYS A 8 2.77 -2.24 -0.46
C CYS A 8 2.76 -3.72 -0.82
N LYS A 9 2.50 -4.02 -2.10
CA LYS A 9 2.46 -5.39 -2.57
C LYS A 9 3.18 -5.52 -3.91
N PRO A 10 3.74 -6.71 -4.17
CA PRO A 10 4.47 -7.00 -5.40
C PRO A 10 3.53 -7.08 -6.61
N ALA A 11 2.94 -5.95 -6.98
CA ALA A 11 2.03 -5.89 -8.11
C ALA A 11 1.23 -4.60 -8.11
N ALA A 12 1.06 -4.02 -6.93
CA ALA A 12 0.32 -2.76 -6.80
C ALA A 12 0.45 -2.20 -5.40
N ALA A 13 -0.61 -1.55 -4.91
CA ALA A 13 -0.61 -0.96 -3.58
C ALA A 13 -1.63 -1.64 -2.68
N ALA A 14 -1.19 -2.67 -1.96
CA ALA A 14 -2.07 -3.41 -1.06
C ALA A 14 -1.27 -4.01 0.10
N CYS A 15 -0.96 -3.17 1.08
CA CYS A 15 -0.21 -3.62 2.26
C CYS A 15 -0.88 -4.81 2.92
N CYS A 16 -0.16 -5.47 3.80
CA CYS A 16 -0.69 -6.64 4.51
C CYS A 16 -0.57 -6.45 6.02
N ASP A 17 0.33 -5.58 6.44
CA ASP A 17 0.53 -5.30 7.86
C ASP A 17 -0.79 -5.02 8.56
N PRO A 18 -1.04 -5.73 9.67
CA PRO A 18 -2.28 -5.57 10.45
C PRO A 18 -2.33 -4.23 11.17
N ALA A 19 -1.24 -3.89 11.85
CA ALA A 19 -1.16 -2.64 12.59
C ALA A 19 -1.13 -1.45 11.65
N ALA A 20 -0.55 -1.65 10.47
CA ALA A 20 -0.45 -0.59 9.47
C ALA A 20 -1.63 -0.64 8.49
N SER A 21 -1.72 0.36 7.63
CA SER A 21 -2.80 0.44 6.65
C SER A 21 -2.50 1.48 5.59
N CYS A 22 -2.32 1.03 4.34
CA CYS A 22 -2.03 1.94 3.24
C CYS A 22 -3.13 2.97 3.07
N TYR A 23 -3.05 3.76 2.01
CA TYR A 23 -4.04 4.80 1.74
C TYR A 23 -4.52 4.74 0.29
N CYS A 24 -5.79 4.46 0.10
CA CYS A 24 -6.37 4.37 -1.24
C CYS A 24 -6.49 5.75 -1.87
N ARG A 25 -5.83 5.95 -3.01
CA ARG A 25 -5.86 7.22 -3.71
C ARG A 25 -6.76 7.14 -4.94
N PHE A 26 -6.82 5.95 -5.54
CA PHE A 26 -7.64 5.74 -6.73
C PHE A 26 -6.87 6.11 -7.99
N PHE A 27 -6.03 7.14 -7.88
CA PHE A 27 -5.22 7.59 -9.02
C PHE A 27 -4.62 6.40 -9.76
N ARG A 28 -4.20 5.39 -9.01
CA ARG A 28 -3.61 4.19 -9.60
C ARG A 28 -4.48 2.97 -9.36
N SER A 29 -5.53 3.15 -8.57
CA SER A 29 -6.44 2.06 -8.25
C SER A 29 -5.84 1.13 -7.20
N ALA A 30 -5.45 1.69 -6.07
CA ALA A 30 -4.86 0.92 -5.00
C ALA A 30 -4.56 1.79 -3.79
N CYS A 31 -4.01 1.19 -2.73
CA CYS A 31 -3.68 1.92 -1.51
C CYS A 31 -2.19 1.80 -1.21
N TYR A 32 -1.48 2.92 -1.28
CA TYR A 32 -0.05 2.94 -1.00
C TYR A 32 0.21 3.13 0.50
N CYS A 33 1.28 2.51 0.98
CA CYS A 33 1.65 2.61 2.39
C CYS A 33 2.13 4.01 2.73
N ARG A 34 1.18 4.92 2.95
CA ARG A 34 1.51 6.30 3.28
C ARG A 34 2.49 6.36 4.45
N CYS A 1 4.33 -5.09 6.26
CA CYS A 1 4.54 -5.82 5.02
C CYS A 1 5.58 -5.14 4.16
N VAL A 2 5.34 -3.87 3.85
CA VAL A 2 6.26 -3.09 3.02
C VAL A 2 6.92 -1.97 3.82
N ALA A 3 7.93 -1.35 3.24
CA ALA A 3 8.64 -0.26 3.90
C ALA A 3 7.73 0.95 4.10
N THR A 4 7.55 1.73 3.04
CA THR A 4 6.71 2.92 3.09
C THR A 4 6.70 3.65 1.75
N ARG A 5 5.50 3.86 1.21
CA ARG A 5 5.36 4.54 -0.07
C ARG A 5 6.31 3.96 -1.12
N ASN A 6 6.44 2.64 -1.11
CA ASN A 6 7.32 1.96 -2.06
C ASN A 6 6.54 0.96 -2.91
N SER A 7 6.20 -0.17 -2.31
CA SER A 7 5.45 -1.21 -3.02
C SER A 7 4.69 -2.09 -2.04
N CYS A 8 3.62 -1.54 -1.48
CA CYS A 8 2.79 -2.28 -0.51
C CYS A 8 2.75 -3.76 -0.87
N LYS A 9 2.52 -4.06 -2.14
CA LYS A 9 2.46 -5.43 -2.60
C LYS A 9 3.13 -5.58 -3.96
N PRO A 10 3.70 -6.78 -4.21
CA PRO A 10 4.39 -7.08 -5.47
C PRO A 10 3.41 -7.17 -6.65
N ALA A 11 2.81 -6.05 -7.01
CA ALA A 11 1.86 -6.01 -8.12
C ALA A 11 1.07 -4.71 -8.11
N ALA A 12 0.93 -4.11 -6.94
CA ALA A 12 0.19 -2.85 -6.79
C ALA A 12 0.37 -2.27 -5.40
N ALA A 13 -0.66 -1.59 -4.91
CA ALA A 13 -0.62 -0.98 -3.59
C ALA A 13 -1.63 -1.63 -2.65
N ALA A 14 -1.18 -2.67 -1.95
CA ALA A 14 -2.06 -3.37 -1.01
C ALA A 14 -1.25 -3.99 0.14
N CYS A 15 -0.91 -3.15 1.11
CA CYS A 15 -0.14 -3.61 2.26
C CYS A 15 -0.81 -4.80 2.93
N CYS A 16 -0.08 -5.46 3.83
CA CYS A 16 -0.60 -6.62 4.54
C CYS A 16 -0.50 -6.42 6.05
N ASP A 17 0.41 -5.55 6.47
CA ASP A 17 0.60 -5.26 7.88
C ASP A 17 -0.73 -4.98 8.57
N PRO A 18 -1.00 -5.70 9.67
CA PRO A 18 -2.23 -5.55 10.44
C PRO A 18 -2.29 -4.22 11.19
N ALA A 19 -1.21 -3.87 11.85
CA ALA A 19 -1.14 -2.62 12.60
C ALA A 19 -1.09 -1.42 11.67
N ALA A 20 -0.55 -1.63 10.47
CA ALA A 20 -0.45 -0.56 9.48
C ALA A 20 -1.61 -0.62 8.50
N SER A 21 -1.68 0.37 7.61
CA SER A 21 -2.75 0.43 6.61
C SER A 21 -2.44 1.48 5.56
N CYS A 22 -2.28 1.04 4.31
CA CYS A 22 -1.98 1.95 3.21
C CYS A 22 -3.09 2.99 3.05
N TYR A 23 -3.00 3.77 1.99
CA TYR A 23 -3.99 4.81 1.72
C TYR A 23 -4.46 4.76 0.27
N CYS A 24 -5.74 4.48 0.08
CA CYS A 24 -6.32 4.40 -1.24
C CYS A 24 -6.45 5.78 -1.88
N ARG A 25 -5.79 5.97 -3.01
CA ARG A 25 -5.82 7.25 -3.71
C ARG A 25 -6.72 7.17 -4.94
N PHE A 26 -6.79 5.99 -5.55
CA PHE A 26 -7.61 5.79 -6.73
C PHE A 26 -6.84 6.15 -8.00
N PHE A 27 -5.99 7.17 -7.90
CA PHE A 27 -5.19 7.61 -9.03
C PHE A 27 -4.59 6.43 -9.78
N ARG A 28 -4.17 5.41 -9.03
CA ARG A 28 -3.58 4.22 -9.62
C ARG A 28 -4.45 3.00 -9.37
N SER A 29 -5.52 3.18 -8.60
CA SER A 29 -6.43 2.09 -8.28
C SER A 29 -5.83 1.17 -7.23
N ALA A 30 -5.44 1.72 -6.10
CA ALA A 30 -4.85 0.95 -5.02
C ALA A 30 -4.54 1.83 -3.81
N CYS A 31 -3.98 1.22 -2.76
CA CYS A 31 -3.64 1.95 -1.54
C CYS A 31 -2.15 1.82 -1.24
N TYR A 32 -1.45 2.95 -1.31
CA TYR A 32 -0.01 2.97 -1.04
C TYR A 32 0.26 3.15 0.45
N CYS A 33 1.33 2.54 0.93
CA CYS A 33 1.71 2.63 2.33
C CYS A 33 2.16 4.04 2.68
N ARG A 34 1.21 4.93 2.91
CA ARG A 34 1.51 6.31 3.24
C ARG A 34 2.50 6.38 4.41
N CYS A 1 4.24 -5.10 6.28
CA CYS A 1 4.46 -5.82 5.03
C CYS A 1 5.51 -5.12 4.18
N VAL A 2 5.27 -3.86 3.88
CA VAL A 2 6.20 -3.07 3.07
C VAL A 2 6.83 -1.95 3.89
N ALA A 3 7.86 -1.32 3.33
CA ALA A 3 8.55 -0.23 4.01
C ALA A 3 7.64 0.97 4.19
N THR A 4 7.49 1.76 3.14
CA THR A 4 6.65 2.95 3.19
C THR A 4 6.65 3.68 1.85
N ARG A 5 5.46 3.86 1.28
CA ARG A 5 5.34 4.54 -0.01
C ARG A 5 6.32 3.98 -1.02
N ASN A 6 6.52 2.67 -0.99
CA ASN A 6 7.42 2.00 -1.91
C ASN A 6 6.68 1.02 -2.80
N SER A 7 6.17 -0.05 -2.20
CA SER A 7 5.42 -1.07 -2.93
C SER A 7 4.66 -1.99 -1.98
N CYS A 8 3.59 -1.47 -1.40
CA CYS A 8 2.77 -2.23 -0.47
C CYS A 8 2.77 -3.72 -0.85
N LYS A 9 2.52 -3.99 -2.12
CA LYS A 9 2.49 -5.37 -2.61
C LYS A 9 3.20 -5.49 -3.96
N PRO A 10 3.79 -6.66 -4.21
CA PRO A 10 4.50 -6.93 -5.47
C PRO A 10 3.58 -7.02 -6.66
N ALA A 11 2.97 -5.90 -7.02
CA ALA A 11 2.04 -5.86 -8.15
C ALA A 11 1.21 -4.57 -8.14
N ALA A 12 1.03 -4.01 -6.95
CA ALA A 12 0.26 -2.78 -6.80
C ALA A 12 0.41 -2.20 -5.40
N ALA A 13 -0.64 -1.56 -4.91
CA ALA A 13 -0.63 -0.96 -3.58
C ALA A 13 -1.64 -1.64 -2.67
N ALA A 14 -1.20 -2.66 -1.95
CA ALA A 14 -2.06 -3.39 -1.03
C ALA A 14 -1.27 -3.98 0.12
N CYS A 15 -0.96 -3.16 1.11
CA CYS A 15 -0.21 -3.60 2.28
C CYS A 15 -0.88 -4.80 2.94
N CYS A 16 -0.15 -5.47 3.82
CA CYS A 16 -0.67 -6.63 4.54
C CYS A 16 -0.56 -6.44 6.04
N ASP A 17 0.34 -5.56 6.46
CA ASP A 17 0.54 -5.28 7.88
C ASP A 17 -0.78 -5.00 8.57
N PRO A 18 -1.04 -5.72 9.69
CA PRO A 18 -2.27 -5.56 10.47
C PRO A 18 -2.32 -4.22 11.19
N ALA A 19 -1.24 -3.87 11.87
CA ALA A 19 -1.17 -2.62 12.60
C ALA A 19 -1.14 -1.42 11.65
N ALA A 20 -0.57 -1.63 10.46
CA ALA A 20 -0.47 -0.57 9.47
C ALA A 20 -1.65 -0.63 8.49
N SER A 21 -1.73 0.37 7.63
CA SER A 21 -2.81 0.43 6.64
C SER A 21 -2.51 1.48 5.58
N CYS A 22 -2.35 1.03 4.34
CA CYS A 22 -2.05 1.93 3.23
C CYS A 22 -3.16 2.98 3.06
N TYR A 23 -3.08 3.76 1.99
CA TYR A 23 -4.07 4.79 1.73
C TYR A 23 -4.53 4.73 0.27
N CYS A 24 -5.82 4.45 0.08
CA CYS A 24 -6.39 4.36 -1.25
C CYS A 24 -6.52 5.75 -1.88
N ARG A 25 -5.84 5.94 -3.01
CA ARG A 25 -5.88 7.22 -3.72
C ARG A 25 -6.77 7.14 -4.95
N PHE A 26 -6.84 5.95 -5.55
CA PHE A 26 -7.65 5.76 -6.75
C PHE A 26 -6.87 6.12 -8.00
N PHE A 27 -6.02 7.14 -7.89
CA PHE A 27 -5.22 7.58 -9.03
C PHE A 27 -4.62 6.40 -9.77
N ARG A 28 -4.20 5.38 -9.02
CA ARG A 28 -3.60 4.19 -9.61
C ARG A 28 -4.48 2.97 -9.36
N SER A 29 -5.54 3.15 -8.58
CA SER A 29 -6.46 2.06 -8.26
C SER A 29 -5.85 1.13 -7.21
N ALA A 30 -5.46 1.69 -6.08
CA ALA A 30 -4.87 0.92 -5.00
C ALA A 30 -4.57 1.80 -3.79
N CYS A 31 -4.02 1.19 -2.74
CA CYS A 31 -3.69 1.92 -1.52
C CYS A 31 -2.20 1.80 -1.21
N TYR A 32 -1.50 2.93 -1.27
CA TYR A 32 -0.07 2.96 -0.99
C TYR A 32 0.20 3.14 0.49
N CYS A 33 1.27 2.53 0.98
CA CYS A 33 1.63 2.63 2.39
C CYS A 33 2.10 4.04 2.73
N ARG A 34 1.15 4.93 2.96
CA ARG A 34 1.45 6.32 3.30
C ARG A 34 2.44 6.39 4.45
N CYS A 1 4.20 -5.18 6.18
CA CYS A 1 4.43 -5.87 4.91
C CYS A 1 5.51 -5.18 4.10
N VAL A 2 5.32 -3.89 3.83
CA VAL A 2 6.27 -3.11 3.06
C VAL A 2 6.88 -2.00 3.90
N ALA A 3 7.93 -1.37 3.38
CA ALA A 3 8.60 -0.28 4.08
C ALA A 3 7.68 0.92 4.22
N THR A 4 7.55 1.70 3.16
CA THR A 4 6.70 2.88 3.17
C THR A 4 6.75 3.61 1.83
N ARG A 5 5.59 3.83 1.24
CA ARG A 5 5.50 4.52 -0.04
C ARG A 5 6.48 3.93 -1.05
N ASN A 6 6.50 2.60 -1.15
CA ASN A 6 7.40 1.91 -2.07
C ASN A 6 6.64 0.88 -2.89
N SER A 7 6.24 -0.21 -2.24
CA SER A 7 5.51 -1.28 -2.92
C SER A 7 4.71 -2.10 -1.93
N CYS A 8 3.66 -1.50 -1.38
CA CYS A 8 2.81 -2.18 -0.41
C CYS A 8 2.70 -3.67 -0.73
N LYS A 9 2.46 -3.99 -2.00
CA LYS A 9 2.34 -5.38 -2.43
C LYS A 9 3.08 -5.59 -3.75
N PRO A 10 3.57 -6.82 -3.95
CA PRO A 10 4.31 -7.19 -5.17
C PRO A 10 3.39 -7.25 -6.39
N ALA A 11 2.85 -6.10 -6.79
CA ALA A 11 1.98 -6.03 -7.95
C ALA A 11 1.25 -4.68 -8.01
N ALA A 12 1.10 -4.04 -6.85
CA ALA A 12 0.43 -2.75 -6.77
C ALA A 12 0.55 -2.16 -5.37
N ALA A 13 -0.52 -1.50 -4.92
CA ALA A 13 -0.53 -0.89 -3.60
C ALA A 13 -1.57 -1.58 -2.69
N ALA A 14 -1.13 -2.61 -1.97
CA ALA A 14 -2.02 -3.33 -1.07
C ALA A 14 -1.24 -3.91 0.11
N CYS A 15 -0.89 -3.06 1.06
CA CYS A 15 -0.16 -3.49 2.24
C CYS A 15 -0.83 -4.69 2.91
N CYS A 16 -0.12 -5.33 3.81
CA CYS A 16 -0.65 -6.49 4.53
C CYS A 16 -0.55 -6.30 6.04
N ASP A 17 0.40 -5.47 6.46
CA ASP A 17 0.60 -5.19 7.88
C ASP A 17 -0.72 -4.85 8.56
N PRO A 18 -1.01 -5.53 9.68
CA PRO A 18 -2.24 -5.32 10.45
C PRO A 18 -2.26 -3.97 11.15
N ALA A 19 -1.17 -3.65 11.83
CA ALA A 19 -1.06 -2.37 12.55
C ALA A 19 -1.00 -1.21 11.57
N ALA A 20 -0.40 -1.43 10.41
CA ALA A 20 -0.29 -0.40 9.40
C ALA A 20 -1.45 -0.45 8.42
N SER A 21 -1.63 0.62 7.64
CA SER A 21 -2.70 0.69 6.67
C SER A 21 -2.39 1.72 5.58
N CYS A 22 -2.25 1.24 4.34
CA CYS A 22 -1.95 2.10 3.22
C CYS A 22 -3.03 3.17 3.04
N TYR A 23 -2.95 3.91 1.95
CA TYR A 23 -3.92 4.96 1.66
C TYR A 23 -4.39 4.90 0.21
N CYS A 24 -5.68 4.61 0.03
CA CYS A 24 -6.24 4.53 -1.31
C CYS A 24 -6.35 5.90 -1.96
N ARG A 25 -5.68 6.06 -3.10
CA ARG A 25 -5.70 7.34 -3.81
C ARG A 25 -6.60 7.25 -5.04
N PHE A 26 -6.69 6.07 -5.63
CA PHE A 26 -7.51 5.86 -6.81
C PHE A 26 -6.73 6.19 -8.08
N PHE A 27 -5.88 7.20 -8.00
CA PHE A 27 -5.08 7.63 -9.13
C PHE A 27 -4.48 6.43 -9.87
N ARG A 28 -4.08 5.42 -9.10
CA ARG A 28 -3.50 4.21 -9.68
C ARG A 28 -4.39 3.00 -9.41
N SER A 29 -5.44 3.21 -8.63
CA SER A 29 -6.36 2.13 -8.28
C SER A 29 -5.76 1.20 -7.24
N ALA A 30 -5.36 1.78 -6.10
CA ALA A 30 -4.77 1.00 -5.03
C ALA A 30 -4.47 1.89 -3.82
N CYS A 31 -3.92 1.29 -2.77
CA CYS A 31 -3.59 2.01 -1.55
C CYS A 31 -2.10 1.88 -1.24
N TYR A 32 -1.38 2.99 -1.32
CA TYR A 32 0.05 2.99 -1.04
C TYR A 32 0.32 3.18 0.45
N CYS A 33 1.40 2.58 0.93
CA CYS A 33 1.77 2.68 2.34
C CYS A 33 2.25 4.09 2.67
N ARG A 34 1.29 5.00 2.86
CA ARG A 34 1.62 6.38 3.19
C ARG A 34 2.56 6.45 4.39
N CYS A 1 4.16 -5.25 6.27
CA CYS A 1 4.43 -5.93 5.01
C CYS A 1 5.49 -5.19 4.20
N VAL A 2 5.24 -3.92 3.93
CA VAL A 2 6.18 -3.10 3.18
C VAL A 2 6.73 -1.96 4.02
N ALA A 3 7.76 -1.30 3.52
CA ALA A 3 8.38 -0.18 4.23
C ALA A 3 7.42 1.01 4.33
N THR A 4 7.32 1.77 3.25
CA THR A 4 6.44 2.93 3.22
C THR A 4 6.54 3.65 1.88
N ARG A 5 5.38 3.83 1.23
CA ARG A 5 5.33 4.50 -0.06
C ARG A 5 6.35 3.92 -1.02
N ASN A 6 6.51 2.60 -0.97
CA ASN A 6 7.46 1.90 -1.84
C ASN A 6 6.74 0.89 -2.72
N SER A 7 6.20 -0.16 -2.09
CA SER A 7 5.50 -1.20 -2.83
C SER A 7 4.70 -2.09 -1.88
N CYS A 8 3.61 -1.55 -1.34
CA CYS A 8 2.77 -2.29 -0.41
C CYS A 8 2.72 -3.77 -0.79
N LYS A 9 2.51 -4.05 -2.06
CA LYS A 9 2.45 -5.43 -2.54
C LYS A 9 3.17 -5.56 -3.88
N PRO A 10 3.74 -6.76 -4.13
CA PRO A 10 4.46 -7.05 -5.37
C PRO A 10 3.54 -7.12 -6.58
N ALA A 11 2.96 -5.98 -6.94
CA ALA A 11 2.06 -5.92 -8.09
C ALA A 11 1.28 -4.60 -8.10
N ALA A 12 1.10 -4.02 -6.92
CA ALA A 12 0.38 -2.76 -6.79
C ALA A 12 0.50 -2.20 -5.38
N ALA A 13 -0.56 -1.55 -4.92
CA ALA A 13 -0.58 -0.96 -3.58
C ALA A 13 -1.60 -1.66 -2.68
N ALA A 14 -1.16 -2.70 -1.99
CA ALA A 14 -2.04 -3.45 -1.10
C ALA A 14 -1.25 -4.05 0.07
N CYS A 15 -0.96 -3.23 1.06
CA CYS A 15 -0.21 -3.67 2.23
C CYS A 15 -0.88 -4.89 2.87
N CYS A 16 -0.16 -5.56 3.76
CA CYS A 16 -0.68 -6.74 4.44
C CYS A 16 -0.59 -6.56 5.96
N ASP A 17 0.30 -5.69 6.40
CA ASP A 17 0.48 -5.44 7.83
C ASP A 17 -0.87 -5.17 8.51
N PRO A 18 -1.13 -5.91 9.59
CA PRO A 18 -2.38 -5.77 10.35
C PRO A 18 -2.46 -4.45 11.11
N ALA A 19 -1.37 -4.09 11.77
CA ALA A 19 -1.33 -2.83 12.53
C ALA A 19 -1.28 -1.63 11.60
N ALA A 20 -0.67 -1.82 10.44
CA ALA A 20 -0.57 -0.74 9.45
C ALA A 20 -1.73 -0.79 8.46
N SER A 21 -1.83 0.24 7.62
CA SER A 21 -2.90 0.32 6.64
C SER A 21 -2.58 1.38 5.59
N CYS A 22 -2.39 0.95 4.34
CA CYS A 22 -2.09 1.86 3.25
C CYS A 22 -3.20 2.90 3.09
N TYR A 23 -3.10 3.70 2.03
CA TYR A 23 -4.08 4.73 1.76
C TYR A 23 -4.54 4.69 0.31
N CYS A 24 -5.83 4.41 0.11
CA CYS A 24 -6.38 4.33 -1.24
C CYS A 24 -6.51 5.72 -1.86
N ARG A 25 -5.81 5.92 -2.97
CA ARG A 25 -5.84 7.21 -3.67
C ARG A 25 -6.71 7.14 -4.92
N PHE A 26 -6.80 5.95 -5.51
CA PHE A 26 -7.61 5.75 -6.70
C PHE A 26 -6.83 6.14 -7.96
N PHE A 27 -6.00 7.18 -7.83
CA PHE A 27 -5.20 7.66 -8.95
C PHE A 27 -4.57 6.49 -9.70
N ARG A 28 -4.18 5.46 -8.97
CA ARG A 28 -3.56 4.28 -9.57
C ARG A 28 -4.43 3.04 -9.36
N SER A 29 -5.50 3.20 -8.58
CA SER A 29 -6.40 2.10 -8.29
C SER A 29 -5.79 1.16 -7.25
N ALA A 30 -5.42 1.71 -6.11
CA ALA A 30 -4.83 0.92 -5.03
C ALA A 30 -4.55 1.80 -3.81
N CYS A 31 -4.00 1.18 -2.76
CA CYS A 31 -3.68 1.89 -1.54
C CYS A 31 -2.20 1.77 -1.21
N TYR A 32 -1.49 2.91 -1.25
CA TYR A 32 -0.07 2.93 -0.97
C TYR A 32 0.18 3.11 0.53
N CYS A 33 1.24 2.47 1.01
CA CYS A 33 1.59 2.55 2.43
C CYS A 33 2.06 3.95 2.79
N ARG A 34 1.11 4.84 3.07
CA ARG A 34 1.43 6.21 3.43
C ARG A 34 2.37 6.26 4.64
N CYS A 1 4.27 -5.14 6.38
CA CYS A 1 4.56 -5.84 5.13
C CYS A 1 5.63 -5.09 4.32
N VAL A 2 5.37 -3.82 4.04
CA VAL A 2 6.31 -3.00 3.29
C VAL A 2 6.87 -1.88 4.14
N ALA A 3 7.91 -1.22 3.63
CA ALA A 3 8.54 -0.12 4.35
C ALA A 3 7.59 1.07 4.47
N THR A 4 7.47 1.85 3.40
CA THR A 4 6.60 3.02 3.39
C THR A 4 6.65 3.73 2.05
N ARG A 5 5.50 3.90 1.43
CA ARG A 5 5.41 4.57 0.12
C ARG A 5 6.45 4.00 -0.85
N ASN A 6 6.60 2.69 -0.84
CA ASN A 6 7.55 2.02 -1.72
C ASN A 6 6.85 0.98 -2.59
N SER A 7 6.32 -0.05 -1.96
CA SER A 7 5.62 -1.12 -2.68
C SER A 7 4.79 -1.96 -1.72
N CYS A 8 3.72 -1.36 -1.20
CA CYS A 8 2.83 -2.05 -0.27
C CYS A 8 2.63 -3.50 -0.70
N LYS A 9 2.45 -3.71 -1.99
CA LYS A 9 2.24 -5.05 -2.53
C LYS A 9 3.03 -5.25 -3.82
N PRO A 10 3.52 -6.48 -4.03
CA PRO A 10 4.29 -6.82 -5.23
C PRO A 10 3.43 -6.84 -6.50
N ALA A 11 2.94 -5.67 -6.89
CA ALA A 11 2.11 -5.55 -8.07
C ALA A 11 1.57 -4.13 -8.22
N ALA A 12 1.34 -3.47 -7.09
CA ALA A 12 0.83 -2.10 -7.10
C ALA A 12 0.88 -1.49 -5.69
N ALA A 13 -0.23 -1.57 -4.97
CA ALA A 13 -0.30 -1.02 -3.63
C ALA A 13 -1.34 -1.76 -2.80
N ALA A 14 -0.90 -2.71 -2.00
CA ALA A 14 -1.80 -3.49 -1.15
C ALA A 14 -1.05 -4.06 0.06
N CYS A 15 -0.75 -3.20 1.02
CA CYS A 15 -0.04 -3.63 2.22
C CYS A 15 -0.72 -4.83 2.86
N CYS A 16 0.00 -5.51 3.75
CA CYS A 16 -0.54 -6.68 4.44
C CYS A 16 -0.50 -6.49 5.96
N ASP A 17 0.38 -5.60 6.40
CA ASP A 17 0.52 -5.33 7.83
C ASP A 17 -0.85 -5.03 8.47
N PRO A 18 -1.14 -5.74 9.57
CA PRO A 18 -2.42 -5.57 10.29
C PRO A 18 -2.51 -4.23 11.00
N ALA A 19 -1.44 -3.86 11.71
CA ALA A 19 -1.40 -2.60 12.43
C ALA A 19 -1.36 -1.42 11.48
N ALA A 20 -0.65 -1.60 10.36
CA ALA A 20 -0.52 -0.54 9.36
C ALA A 20 -1.70 -0.55 8.40
N SER A 21 -1.83 0.51 7.61
CA SER A 21 -2.92 0.62 6.65
C SER A 21 -2.59 1.64 5.56
N CYS A 22 -2.39 1.14 4.34
CA CYS A 22 -2.07 2.01 3.21
C CYS A 22 -3.16 3.04 2.98
N TYR A 23 -3.05 3.78 1.88
CA TYR A 23 -4.02 4.81 1.55
C TYR A 23 -4.47 4.69 0.09
N CYS A 24 -5.74 4.37 -0.11
CA CYS A 24 -6.29 4.24 -1.46
C CYS A 24 -6.43 5.60 -2.13
N ARG A 25 -5.74 5.76 -3.25
CA ARG A 25 -5.79 7.03 -4.00
C ARG A 25 -6.66 6.88 -5.25
N PHE A 26 -6.73 5.66 -5.77
CA PHE A 26 -7.52 5.40 -6.97
C PHE A 26 -6.76 5.78 -8.23
N PHE A 27 -5.90 6.79 -8.11
CA PHE A 27 -5.10 7.25 -9.24
C PHE A 27 -4.53 6.07 -10.02
N ARG A 28 -4.10 5.03 -9.30
CA ARG A 28 -3.53 3.85 -9.91
C ARG A 28 -4.37 2.62 -9.61
N SER A 29 -5.39 2.80 -8.77
CA SER A 29 -6.27 1.69 -8.39
C SER A 29 -5.61 0.82 -7.34
N ALA A 30 -5.23 1.43 -6.22
CA ALA A 30 -4.59 0.70 -5.13
C ALA A 30 -4.36 1.61 -3.93
N CYS A 31 -3.79 1.05 -2.87
CA CYS A 31 -3.51 1.81 -1.66
C CYS A 31 -2.03 1.72 -1.28
N TYR A 32 -1.34 2.85 -1.35
CA TYR A 32 0.08 2.90 -1.03
C TYR A 32 0.29 3.11 0.47
N CYS A 33 1.35 2.52 1.01
CA CYS A 33 1.66 2.64 2.43
C CYS A 33 2.11 4.05 2.76
N ARG A 34 1.14 4.95 2.92
CA ARG A 34 1.43 6.35 3.25
C ARG A 34 2.36 6.44 4.46
N CYS A 1 4.09 -5.06 6.30
CA CYS A 1 4.36 -5.77 5.06
C CYS A 1 5.44 -5.05 4.24
N VAL A 2 5.19 -3.79 3.93
CA VAL A 2 6.14 -2.99 3.17
C VAL A 2 6.70 -1.85 4.00
N ALA A 3 7.74 -1.20 3.48
CA ALA A 3 8.36 -0.08 4.17
C ALA A 3 7.42 1.12 4.26
N THR A 4 7.32 1.87 3.17
CA THR A 4 6.44 3.04 3.12
C THR A 4 6.55 3.74 1.77
N ARG A 5 5.40 3.90 1.12
CA ARG A 5 5.35 4.55 -0.19
C ARG A 5 6.38 3.95 -1.14
N ASN A 6 6.53 2.63 -1.08
CA ASN A 6 7.47 1.92 -1.93
C ASN A 6 6.77 0.90 -2.80
N SER A 7 6.22 -0.14 -2.16
CA SER A 7 5.51 -1.19 -2.89
C SER A 7 4.72 -2.07 -1.92
N CYS A 8 3.62 -1.51 -1.40
CA CYS A 8 2.76 -2.24 -0.47
C CYS A 8 2.74 -3.73 -0.81
N LYS A 9 2.54 -4.04 -2.08
CA LYS A 9 2.50 -5.43 -2.53
C LYS A 9 3.23 -5.59 -3.86
N PRO A 10 3.80 -6.78 -4.08
CA PRO A 10 4.53 -7.09 -5.31
C PRO A 10 3.60 -7.21 -6.52
N ALA A 11 3.00 -6.09 -6.90
CA ALA A 11 2.10 -6.06 -8.05
C ALA A 11 1.32 -4.75 -8.10
N ALA A 12 1.13 -4.14 -6.94
CA ALA A 12 0.40 -2.87 -6.84
C ALA A 12 0.51 -2.28 -5.45
N ALA A 13 -0.55 -1.61 -5.01
CA ALA A 13 -0.57 -0.98 -3.70
C ALA A 13 -1.60 -1.64 -2.78
N ALA A 14 -1.17 -2.67 -2.05
CA ALA A 14 -2.05 -3.39 -1.15
C ALA A 14 -1.28 -3.98 0.03
N CYS A 15 -0.99 -3.13 1.01
CA CYS A 15 -0.25 -3.56 2.20
C CYS A 15 -0.92 -4.76 2.86
N CYS A 16 -0.21 -5.43 3.75
CA CYS A 16 -0.74 -6.59 4.45
C CYS A 16 -0.67 -6.39 5.97
N ASP A 17 0.22 -5.51 6.40
CA ASP A 17 0.39 -5.22 7.82
C ASP A 17 -0.97 -4.94 8.48
N PRO A 18 -1.24 -5.65 9.59
CA PRO A 18 -2.49 -5.50 10.33
C PRO A 18 -2.59 -4.16 11.05
N ALA A 19 -1.50 -3.78 11.71
CA ALA A 19 -1.45 -2.50 12.43
C ALA A 19 -1.42 -1.33 11.47
N ALA A 20 -0.75 -1.51 10.34
CA ALA A 20 -0.63 -0.47 9.33
C ALA A 20 -1.81 -0.51 8.36
N SER A 21 -1.87 0.47 7.47
CA SER A 21 -2.94 0.55 6.49
C SER A 21 -2.62 1.59 5.41
N CYS A 22 -2.43 1.12 4.19
CA CYS A 22 -2.11 2.00 3.06
C CYS A 22 -3.21 3.04 2.87
N TYR A 23 -3.11 3.81 1.79
CA TYR A 23 -4.09 4.85 1.49
C TYR A 23 -4.53 4.77 0.03
N CYS A 24 -5.82 4.49 -0.17
CA CYS A 24 -6.37 4.39 -1.51
C CYS A 24 -6.47 5.76 -2.17
N ARG A 25 -5.78 5.93 -3.29
CA ARG A 25 -5.78 7.20 -4.01
C ARG A 25 -6.65 7.10 -5.26
N PHE A 26 -6.75 5.90 -5.82
CA PHE A 26 -7.55 5.68 -7.02
C PHE A 26 -6.76 6.05 -8.27
N PHE A 27 -5.91 7.06 -8.14
CA PHE A 27 -5.10 7.53 -9.27
C PHE A 27 -4.47 6.34 -10.00
N ARG A 28 -4.08 5.32 -9.26
CA ARG A 28 -3.47 4.13 -9.84
C ARG A 28 -4.35 2.89 -9.60
N SER A 29 -5.41 3.08 -8.84
CA SER A 29 -6.32 1.98 -8.53
C SER A 29 -5.73 1.07 -7.46
N ALA A 30 -5.37 1.65 -6.32
CA ALA A 30 -4.79 0.88 -5.22
C ALA A 30 -4.52 1.78 -4.01
N CYS A 31 -3.98 1.19 -2.95
CA CYS A 31 -3.67 1.93 -1.74
C CYS A 31 -2.19 1.83 -1.40
N TYR A 32 -1.49 2.95 -1.48
CA TYR A 32 -0.05 2.98 -1.17
C TYR A 32 0.18 3.17 0.32
N CYS A 33 1.23 2.55 0.83
CA CYS A 33 1.58 2.66 2.24
C CYS A 33 2.04 4.07 2.59
N ARG A 34 1.09 4.95 2.84
CA ARG A 34 1.39 6.34 3.18
C ARG A 34 2.30 6.41 4.40
N CYS A 1 4.14 -5.18 6.25
CA CYS A 1 4.41 -5.89 5.00
C CYS A 1 5.48 -5.17 4.18
N VAL A 2 5.22 -3.89 3.90
CA VAL A 2 6.16 -3.08 3.12
C VAL A 2 6.71 -1.93 3.96
N ALA A 3 7.75 -1.27 3.45
CA ALA A 3 8.36 -0.16 4.14
C ALA A 3 7.40 1.03 4.24
N THR A 4 7.30 1.79 3.16
CA THR A 4 6.42 2.96 3.13
C THR A 4 6.51 3.67 1.78
N ARG A 5 5.36 3.83 1.13
CA ARG A 5 5.30 4.50 -0.17
C ARG A 5 6.33 3.91 -1.12
N ASN A 6 6.52 2.59 -1.05
CA ASN A 6 7.47 1.90 -1.90
C ASN A 6 6.76 0.88 -2.79
N SER A 7 6.23 -0.16 -2.17
CA SER A 7 5.52 -1.20 -2.91
C SER A 7 4.73 -2.10 -1.96
N CYS A 8 3.63 -1.57 -1.45
CA CYS A 8 2.78 -2.32 -0.52
C CYS A 8 2.77 -3.81 -0.89
N LYS A 9 2.58 -4.09 -2.17
CA LYS A 9 2.55 -5.47 -2.66
C LYS A 9 3.27 -5.60 -3.99
N PRO A 10 3.86 -6.78 -4.24
CA PRO A 10 4.59 -7.06 -5.48
C PRO A 10 3.66 -7.16 -6.68
N ALA A 11 3.06 -6.04 -7.05
CA ALA A 11 2.15 -6.00 -8.19
C ALA A 11 1.33 -4.71 -8.20
N ALA A 12 1.15 -4.12 -7.02
CA ALA A 12 0.39 -2.88 -6.90
C ALA A 12 0.51 -2.30 -5.49
N ALA A 13 -0.54 -1.65 -5.03
CA ALA A 13 -0.55 -1.05 -3.70
C ALA A 13 -1.58 -1.72 -2.80
N ALA A 14 -1.14 -2.76 -2.09
CA ALA A 14 -2.02 -3.48 -1.18
C ALA A 14 -1.25 -4.08 -0.02
N CYS A 15 -0.95 -3.24 0.98
CA CYS A 15 -0.22 -3.68 2.16
C CYS A 15 -0.89 -4.89 2.80
N CYS A 16 -0.17 -5.55 3.69
CA CYS A 16 -0.69 -6.72 4.39
C CYS A 16 -0.62 -6.54 5.90
N ASP A 17 0.25 -5.66 6.35
CA ASP A 17 0.42 -5.39 7.77
C ASP A 17 -0.93 -5.12 8.43
N PRO A 18 -1.23 -5.85 9.51
CA PRO A 18 -2.48 -5.71 10.25
C PRO A 18 -2.57 -4.38 11.00
N ALA A 19 -1.49 -4.02 11.69
CA ALA A 19 -1.44 -2.79 12.44
C ALA A 19 -1.39 -1.58 11.51
N ALA A 20 -0.80 -1.77 10.34
CA ALA A 20 -0.69 -0.69 9.36
C ALA A 20 -1.84 -0.74 8.35
N SER A 21 -1.90 0.26 7.48
CA SER A 21 -2.95 0.33 6.48
C SER A 21 -2.62 1.38 5.42
N CYS A 22 -2.43 0.94 4.19
CA CYS A 22 -2.11 1.84 3.09
C CYS A 22 -3.22 2.89 2.91
N TYR A 23 -3.11 3.67 1.84
CA TYR A 23 -4.09 4.71 1.55
C TYR A 23 -4.54 4.65 0.10
N CYS A 24 -5.82 4.36 -0.11
CA CYS A 24 -6.37 4.28 -1.45
C CYS A 24 -6.48 5.66 -2.09
N ARG A 25 -5.79 5.85 -3.21
CA ARG A 25 -5.81 7.12 -3.92
C ARG A 25 -6.67 7.04 -5.16
N PHE A 26 -6.76 5.84 -5.74
CA PHE A 26 -7.55 5.63 -6.95
C PHE A 26 -6.77 6.03 -8.19
N PHE A 27 -5.93 7.05 -8.06
CA PHE A 27 -5.12 7.52 -9.17
C PHE A 27 -4.48 6.37 -9.92
N ARG A 28 -4.10 5.33 -9.19
CA ARG A 28 -3.48 4.16 -9.78
C ARG A 28 -4.33 2.92 -9.56
N SER A 29 -5.41 3.07 -8.79
CA SER A 29 -6.31 1.96 -8.51
C SER A 29 -5.72 1.04 -7.45
N ALA A 30 -5.36 1.61 -6.31
CA ALA A 30 -4.78 0.84 -5.21
C ALA A 30 -4.52 1.72 -3.99
N CYS A 31 -3.96 1.12 -2.95
CA CYS A 31 -3.67 1.85 -1.72
C CYS A 31 -2.18 1.74 -1.37
N TYR A 32 -1.48 2.87 -1.44
CA TYR A 32 -0.06 2.90 -1.14
C TYR A 32 0.17 3.08 0.36
N CYS A 33 1.23 2.46 0.87
CA CYS A 33 1.57 2.54 2.28
C CYS A 33 2.03 3.94 2.65
N ARG A 34 1.07 4.82 2.91
CA ARG A 34 1.37 6.20 3.27
C ARG A 34 2.27 6.25 4.50
#